data_3QHN
#
_entry.id   3QHN
#
_cell.length_a   162.325
_cell.length_b   58.347
_cell.length_c   138.271
_cell.angle_alpha   90.00
_cell.angle_beta   109.61
_cell.angle_gamma   90.00
#
_symmetry.space_group_name_H-M   'C 1 2 1'
#
loop_
_entity.id
_entity.type
_entity.pdbx_description
1 polymer '458aa long hypothetical endo-1,4-beta-glucanase'
2 branched beta-D-glucopyranose-(1-4)-beta-D-glucopyranose-(1-4)-beta-D-glucopyranose-(1-4)-beta-D-glucopyranose
3 branched beta-D-glucopyranose-(1-4)-beta-D-glucopyranose
4 water water
#
_entity_poly.entity_id   1
_entity_poly.type   'polypeptide(L)'
_entity_poly.pdbx_seq_one_letter_code
;MEGNTILKIVLICTILAGLFGQVVPVYAENTTYQTPTGIYYEVRGDTIYMINVTSGEETPIHLFGVNWFGFETPNHVVHG
LWKRNWEDMLLQIKSLGFNAIRLPFCTESVKPGTQPIGIDYSKNPDLRGLDSLQIMEKIIKKAGDLGIFVLLDYHRIGCT
HIEPLWYTEDFSEEDFINTWIEVAKRFGKYWNVIGADLKNAPHSVTSPPAAYTDGTGATWGMGNPATDWNLAAERIGKAI
LKVAPHWLIFVEGTQFTNPKTDSSYKWGYNAWWGGNLMAVKDYPVNLPRNKLVYSPHVYGPDVYNQPYFGPAKGFPDNLP
DIWYHHFGYVKLELGYSVVIGEFGGKYGHGGDPRDVIWQNKLVDWMIENKFCDFFYWSWNPDSGDTGGILQDDWTTIWED
KYNNLKRLMDSCSKSSSSTQSVIRSTTPTKSNTSKKICGPAILIILAVFSLLLRRAPR
;
_entity_poly.pdbx_strand_id   A,B,C
#
loop_
_chem_comp.id
_chem_comp.type
_chem_comp.name
_chem_comp.formula
BGC D-saccharide, beta linking beta-D-glucopyranose 'C6 H12 O6'
#
# COMPACT_ATOMS: atom_id res chain seq x y z
N GLN A 34 -19.32 -20.67 12.34
CA GLN A 34 -18.26 -21.30 11.49
C GLN A 34 -18.73 -21.64 10.09
N THR A 35 -19.98 -22.12 9.94
CA THR A 35 -20.55 -22.48 8.58
C THR A 35 -22.05 -22.85 8.53
N PRO A 36 -22.84 -22.22 7.63
CA PRO A 36 -24.25 -22.60 7.41
C PRO A 36 -24.47 -23.91 6.65
N THR A 37 -23.38 -24.52 6.14
CA THR A 37 -23.53 -25.66 5.26
C THR A 37 -23.02 -26.95 5.88
N GLY A 38 -22.23 -26.81 6.93
CA GLY A 38 -21.40 -27.88 7.42
C GLY A 38 -20.02 -28.03 6.82
N ILE A 39 -19.76 -27.30 5.73
CA ILE A 39 -18.51 -27.29 5.04
C ILE A 39 -17.79 -25.93 5.27
N TYR A 40 -16.51 -26.01 5.61
CA TYR A 40 -15.68 -24.87 5.81
C TYR A 40 -14.45 -25.01 4.89
N TYR A 41 -14.21 -23.98 4.07
CA TYR A 41 -13.04 -23.97 3.19
C TYR A 41 -11.90 -23.18 3.85
N GLU A 42 -10.69 -23.70 3.76
CA GLU A 42 -9.58 -22.92 4.30
C GLU A 42 -8.31 -23.29 3.59
N VAL A 43 -7.28 -22.46 3.76
CA VAL A 43 -5.95 -22.71 3.23
C VAL A 43 -4.97 -23.18 4.33
N ARG A 44 -4.29 -24.29 4.10
CA ARG A 44 -3.21 -24.68 5.00
C ARG A 44 -2.02 -24.82 4.14
N GLY A 45 -0.90 -24.31 4.61
CA GLY A 45 0.28 -24.25 3.74
C GLY A 45 -0.03 -23.36 2.55
N ASP A 46 0.09 -23.90 1.34
CA ASP A 46 -0.47 -23.23 0.15
C ASP A 46 -1.53 -24.09 -0.58
N THR A 47 -2.19 -24.97 0.18
CA THR A 47 -3.19 -25.91 -0.35
C THR A 47 -4.53 -25.60 0.22
N ILE A 48 -5.56 -25.66 -0.62
CA ILE A 48 -6.93 -25.44 -0.22
C ILE A 48 -7.59 -26.73 0.28
N TYR A 49 -8.21 -26.61 1.45
CA TYR A 49 -8.88 -27.71 2.15
C TYR A 49 -10.40 -27.51 2.26
N MET A 50 -11.13 -28.61 2.08
CA MET A 50 -12.54 -28.68 2.33
C MET A 50 -12.70 -29.50 3.62
N ILE A 51 -13.35 -28.89 4.60
CA ILE A 51 -13.54 -29.44 5.95
C ILE A 51 -15.01 -29.70 6.20
N ASN A 52 -15.29 -30.94 6.55
CA ASN A 52 -16.63 -31.30 7.02
C ASN A 52 -16.51 -31.07 8.53
N VAL A 53 -17.15 -30.02 9.06
CA VAL A 53 -16.87 -29.63 10.43
C VAL A 53 -17.47 -30.65 11.45
N THR A 54 -18.62 -31.23 11.10
CA THR A 54 -19.21 -32.33 11.87
C THR A 54 -18.32 -33.56 12.03
N SER A 55 -18.04 -34.23 10.90
CA SER A 55 -17.22 -35.43 10.91
C SER A 55 -15.78 -35.11 11.22
N GLY A 56 -15.36 -33.86 11.01
CA GLY A 56 -13.94 -33.51 11.17
C GLY A 56 -13.02 -33.90 9.99
N GLU A 57 -13.58 -34.46 8.91
CA GLU A 57 -12.73 -34.85 7.75
C GLU A 57 -12.23 -33.62 7.08
N GLU A 58 -10.96 -33.63 6.74
CA GLU A 58 -10.27 -32.52 6.00
C GLU A 58 -9.75 -33.06 4.70
N THR A 59 -10.28 -32.63 3.57
CA THR A 59 -9.78 -33.14 2.29
C THR A 59 -9.02 -32.00 1.57
N PRO A 60 -7.78 -32.23 1.10
CA PRO A 60 -7.21 -31.19 0.21
C PRO A 60 -7.88 -31.24 -1.18
N ILE A 61 -8.11 -30.09 -1.81
CA ILE A 61 -8.79 -30.07 -3.11
C ILE A 61 -7.89 -29.43 -4.15
N HIS A 62 -8.00 -29.88 -5.38
CA HIS A 62 -7.36 -29.20 -6.50
C HIS A 62 -8.49 -28.60 -7.30
N LEU A 63 -8.27 -27.43 -7.90
CA LEU A 63 -9.30 -26.77 -8.68
C LEU A 63 -8.89 -26.88 -10.13
N PHE A 64 -9.52 -27.80 -10.85
CA PHE A 64 -9.32 -27.92 -12.32
C PHE A 64 -10.48 -27.23 -12.95
N GLY A 65 -10.35 -25.92 -13.26
CA GLY A 65 -11.56 -25.13 -13.46
C GLY A 65 -11.67 -24.48 -14.80
N VAL A 66 -12.87 -24.02 -15.08
CA VAL A 66 -13.17 -23.27 -16.29
C VAL A 66 -13.99 -22.09 -15.90
N ASN A 67 -13.78 -21.01 -16.62
CA ASN A 67 -14.73 -19.89 -16.59
C ASN A 67 -15.88 -20.08 -17.57
N TRP A 68 -17.09 -20.07 -17.05
CA TRP A 68 -18.29 -20.03 -17.91
C TRP A 68 -18.99 -18.67 -17.75
N PHE A 69 -18.75 -17.81 -18.72
CA PHE A 69 -19.17 -16.40 -18.61
C PHE A 69 -20.52 -16.06 -19.22
N GLY A 70 -21.04 -14.92 -18.78
CA GLY A 70 -22.30 -14.41 -19.30
C GLY A 70 -23.21 -13.76 -18.29
N PHE A 71 -23.10 -14.14 -17.01
CA PHE A 71 -23.90 -13.44 -15.98
C PHE A 71 -23.42 -11.99 -15.80
N GLU A 72 -22.28 -11.62 -16.40
CA GLU A 72 -21.74 -10.27 -16.27
C GLU A 72 -21.97 -9.46 -17.53
N THR A 73 -22.73 -10.02 -18.45
CA THR A 73 -22.92 -9.40 -19.76
C THR A 73 -24.38 -8.94 -19.83
N PRO A 74 -24.75 -8.19 -20.88
CA PRO A 74 -26.17 -7.79 -21.12
C PRO A 74 -27.15 -8.98 -21.26
N ASN A 75 -26.66 -10.15 -21.65
CA ASN A 75 -27.50 -11.36 -21.63
C ASN A 75 -27.99 -11.70 -20.23
N HIS A 76 -27.24 -11.30 -19.19
CA HIS A 76 -27.59 -11.71 -17.80
C HIS A 76 -27.78 -13.24 -17.58
N VAL A 77 -27.04 -14.04 -18.34
CA VAL A 77 -27.01 -15.50 -18.18
C VAL A 77 -25.71 -15.97 -18.79
N VAL A 78 -25.19 -17.11 -18.32
CA VAL A 78 -24.07 -17.74 -19.03
C VAL A 78 -24.42 -17.88 -20.52
N HIS A 79 -23.46 -17.60 -21.38
CA HIS A 79 -23.69 -17.69 -22.82
C HIS A 79 -23.87 -19.14 -23.31
N GLY A 80 -24.55 -19.28 -24.45
CA GLY A 80 -24.59 -20.51 -25.20
C GLY A 80 -25.83 -21.30 -24.99
N LEU A 81 -26.75 -20.79 -24.17
CA LEU A 81 -28.05 -21.41 -23.98
C LEU A 81 -29.01 -21.15 -25.18
N TRP A 82 -28.49 -20.48 -26.21
CA TRP A 82 -29.13 -20.41 -27.51
C TRP A 82 -28.75 -21.55 -28.42
N LYS A 83 -27.73 -22.32 -28.05
CA LYS A 83 -27.28 -23.41 -28.88
C LYS A 83 -27.32 -24.72 -28.06
N ARG A 84 -27.32 -24.61 -26.72
CA ARG A 84 -27.22 -25.80 -25.84
C ARG A 84 -28.21 -25.81 -24.72
N ASN A 85 -28.40 -27.01 -24.14
CA ASN A 85 -29.05 -27.15 -22.86
C ASN A 85 -28.02 -26.92 -21.73
N TRP A 86 -28.42 -26.30 -20.62
CA TRP A 86 -27.43 -25.84 -19.62
C TRP A 86 -26.86 -26.98 -18.85
N GLU A 87 -27.69 -27.98 -18.60
CA GLU A 87 -27.32 -29.19 -17.92
C GLU A 87 -26.37 -29.99 -18.80
N ASP A 88 -26.77 -30.30 -20.04
CA ASP A 88 -25.83 -30.85 -21.08
C ASP A 88 -24.41 -30.16 -21.03
N MET A 89 -24.37 -28.83 -20.89
CA MET A 89 -23.11 -28.06 -20.74
C MET A 89 -22.30 -28.43 -19.49
N LEU A 90 -22.96 -28.46 -18.32
CA LEU A 90 -22.34 -28.89 -17.08
C LEU A 90 -21.82 -30.35 -17.18
N LEU A 91 -22.65 -31.24 -17.69
CA LEU A 91 -22.25 -32.62 -17.90
C LEU A 91 -21.01 -32.72 -18.78
N GLN A 92 -20.98 -31.93 -19.86
CA GLN A 92 -19.82 -31.97 -20.81
C GLN A 92 -18.58 -31.42 -20.11
N ILE A 93 -18.74 -30.33 -19.35
CA ILE A 93 -17.59 -29.78 -18.56
C ILE A 93 -17.01 -30.89 -17.61
N LYS A 94 -17.89 -31.52 -16.87
CA LYS A 94 -17.51 -32.62 -15.95
C LYS A 94 -16.86 -33.78 -16.70
N SER A 95 -17.41 -34.16 -17.85
CA SER A 95 -16.87 -35.26 -18.71
C SER A 95 -15.43 -34.99 -19.15
N LEU A 96 -15.06 -33.70 -19.24
CA LEU A 96 -13.66 -33.39 -19.59
C LEU A 96 -12.68 -33.34 -18.40
N GLY A 97 -13.17 -33.68 -17.21
CA GLY A 97 -12.32 -33.78 -15.99
C GLY A 97 -12.20 -32.49 -15.18
N PHE A 98 -12.98 -31.46 -15.52
CA PHE A 98 -13.03 -30.26 -14.68
C PHE A 98 -13.84 -30.56 -13.44
N ASN A 99 -13.42 -29.97 -12.31
CA ASN A 99 -14.25 -30.10 -11.11
C ASN A 99 -14.50 -28.71 -10.47
N ALA A 100 -14.31 -27.63 -11.22
CA ALA A 100 -14.51 -26.30 -10.70
C ALA A 100 -14.99 -25.31 -11.80
N ILE A 101 -15.92 -24.44 -11.44
CA ILE A 101 -16.31 -23.38 -12.39
C ILE A 101 -16.15 -21.99 -11.75
N ARG A 102 -15.51 -21.09 -12.44
CA ARG A 102 -15.55 -19.66 -12.01
C ARG A 102 -16.73 -19.00 -12.72
N LEU A 103 -17.64 -18.40 -11.94
CA LEU A 103 -18.85 -17.80 -12.49
C LEU A 103 -18.77 -16.22 -12.39
N PRO A 104 -18.38 -15.57 -13.49
CA PRO A 104 -18.40 -14.10 -13.55
C PRO A 104 -19.83 -13.61 -13.38
N PHE A 105 -20.02 -12.54 -12.60
CA PHE A 105 -21.34 -11.87 -12.50
C PHE A 105 -21.18 -10.30 -12.55
N CYS A 106 -22.27 -9.59 -12.86
CA CYS A 106 -22.30 -8.12 -12.72
C CYS A 106 -23.42 -7.82 -11.75
N THR A 107 -23.47 -6.58 -11.23
CA THR A 107 -24.43 -6.21 -10.17
C THR A 107 -25.84 -6.63 -10.49
N GLU A 108 -26.29 -6.27 -11.70
CA GLU A 108 -27.66 -6.50 -12.16
C GLU A 108 -28.09 -7.96 -12.10
N SER A 109 -27.20 -8.87 -12.52
CA SER A 109 -27.55 -10.29 -12.60
C SER A 109 -27.87 -10.87 -11.27
N VAL A 110 -27.35 -10.26 -10.21
CA VAL A 110 -27.54 -10.77 -8.84
C VAL A 110 -28.66 -10.08 -8.02
N LYS A 111 -29.31 -9.07 -8.60
CA LYS A 111 -30.50 -8.46 -8.02
C LYS A 111 -31.71 -9.14 -8.63
N PRO A 112 -32.69 -9.54 -7.81
CA PRO A 112 -33.88 -10.25 -8.28
C PRO A 112 -34.61 -9.52 -9.40
N GLY A 113 -35.42 -10.26 -10.16
CA GLY A 113 -36.14 -9.68 -11.28
C GLY A 113 -35.36 -9.26 -12.53
N THR A 114 -34.03 -9.36 -12.53
CA THR A 114 -33.30 -9.13 -13.78
C THR A 114 -33.59 -10.31 -14.69
N GLN A 115 -33.83 -10.03 -15.97
CA GLN A 115 -34.34 -11.04 -16.84
C GLN A 115 -33.27 -11.37 -17.87
N PRO A 116 -33.05 -12.67 -18.11
CA PRO A 116 -32.00 -13.12 -18.99
C PRO A 116 -32.42 -12.91 -20.43
N ILE A 117 -31.46 -12.59 -21.29
CA ILE A 117 -31.74 -12.40 -22.68
C ILE A 117 -30.87 -13.35 -23.51
N GLY A 118 -31.54 -14.17 -24.31
CA GLY A 118 -30.89 -14.86 -25.41
C GLY A 118 -30.85 -16.36 -25.22
N ILE A 119 -31.90 -16.90 -24.59
CA ILE A 119 -32.00 -18.32 -24.23
C ILE A 119 -33.01 -19.01 -25.15
N ASP A 120 -32.63 -20.19 -25.65
CA ASP A 120 -33.51 -21.07 -26.42
C ASP A 120 -34.27 -21.97 -25.45
N TYR A 121 -35.54 -21.65 -25.19
CA TYR A 121 -36.33 -22.39 -24.18
C TYR A 121 -36.86 -23.77 -24.66
N SER A 122 -36.71 -24.05 -25.95
CA SER A 122 -37.04 -25.39 -26.49
C SER A 122 -35.96 -26.39 -26.08
N LYS A 123 -34.74 -25.86 -25.94
CA LYS A 123 -33.56 -26.57 -25.42
C LYS A 123 -33.51 -26.47 -23.90
N ASN A 124 -34.16 -25.46 -23.33
CA ASN A 124 -34.10 -25.21 -21.89
C ASN A 124 -35.45 -25.06 -21.14
N PRO A 125 -36.42 -25.97 -21.36
CA PRO A 125 -37.76 -25.78 -20.74
C PRO A 125 -37.77 -25.42 -19.24
N ASP A 126 -36.89 -26.06 -18.45
CA ASP A 126 -36.86 -25.83 -17.01
C ASP A 126 -36.33 -24.46 -16.58
N LEU A 127 -35.96 -23.62 -17.56
CA LEU A 127 -35.48 -22.26 -17.30
C LEU A 127 -36.54 -21.19 -17.52
N ARG A 128 -37.69 -21.60 -18.06
CA ARG A 128 -38.81 -20.69 -18.33
C ARG A 128 -39.33 -20.01 -17.05
N GLY A 129 -39.51 -18.70 -17.11
CA GLY A 129 -40.08 -17.92 -15.99
C GLY A 129 -39.18 -17.82 -14.77
N LEU A 130 -37.86 -17.85 -15.03
CA LEU A 130 -36.86 -17.86 -13.97
C LEU A 130 -35.99 -16.68 -14.28
N ASP A 131 -35.58 -15.94 -13.24
CA ASP A 131 -34.77 -14.75 -13.46
C ASP A 131 -33.27 -15.09 -13.41
N SER A 132 -32.42 -14.08 -13.64
CA SER A 132 -30.97 -14.25 -13.72
C SER A 132 -30.34 -14.83 -12.42
N LEU A 133 -31.05 -14.66 -11.31
CA LEU A 133 -30.59 -15.12 -10.03
C LEU A 133 -30.94 -16.58 -9.80
N GLN A 134 -32.14 -16.97 -10.22
CA GLN A 134 -32.61 -18.32 -10.08
C GLN A 134 -31.88 -19.35 -10.96
N ILE A 135 -31.62 -18.99 -12.21
CA ILE A 135 -30.71 -19.71 -13.11
C ILE A 135 -29.32 -19.86 -12.49
N MET A 136 -28.76 -18.76 -12.01
CA MET A 136 -27.49 -18.82 -11.31
C MET A 136 -27.49 -19.89 -10.21
N GLU A 137 -28.51 -19.85 -9.35
CA GLU A 137 -28.74 -20.90 -8.31
C GLU A 137 -28.92 -22.35 -8.81
N LYS A 138 -29.67 -22.52 -9.91
CA LYS A 138 -29.88 -23.83 -10.56
C LYS A 138 -28.55 -24.42 -11.06
N ILE A 139 -27.77 -23.52 -11.68
CA ILE A 139 -26.48 -23.90 -12.24
C ILE A 139 -25.52 -24.35 -11.12
N ILE A 140 -25.56 -23.69 -9.95
CA ILE A 140 -24.62 -23.98 -8.86
C ILE A 140 -25.02 -25.28 -8.15
N LYS A 141 -26.33 -25.46 -7.97
CA LYS A 141 -26.81 -26.65 -7.31
C LYS A 141 -26.55 -27.90 -8.20
N LYS A 142 -26.87 -27.77 -9.48
CA LYS A 142 -26.48 -28.82 -10.47
C LYS A 142 -24.95 -29.12 -10.47
N ALA A 143 -24.12 -28.09 -10.58
CA ALA A 143 -22.66 -28.24 -10.43
C ALA A 143 -22.31 -29.00 -9.16
N GLY A 144 -22.90 -28.64 -8.04
CA GLY A 144 -22.60 -29.32 -6.78
C GLY A 144 -22.95 -30.81 -6.79
N ASP A 145 -24.01 -31.13 -7.52
CA ASP A 145 -24.52 -32.50 -7.72
C ASP A 145 -23.44 -33.34 -8.45
N LEU A 146 -22.65 -32.67 -9.28
CA LEU A 146 -21.53 -33.28 -10.03
C LEU A 146 -20.15 -33.14 -9.29
N GLY A 147 -20.19 -32.73 -8.03
CA GLY A 147 -18.97 -32.45 -7.21
C GLY A 147 -18.19 -31.27 -7.76
N ILE A 148 -18.86 -30.36 -8.45
CA ILE A 148 -18.09 -29.27 -9.07
C ILE A 148 -18.05 -28.08 -8.07
N PHE A 149 -16.86 -27.61 -7.74
CA PHE A 149 -16.76 -26.35 -6.98
C PHE A 149 -17.04 -25.09 -7.83
N VAL A 150 -17.64 -24.09 -7.20
CA VAL A 150 -17.98 -22.81 -7.90
C VAL A 150 -17.31 -21.60 -7.18
N LEU A 151 -16.59 -20.78 -7.97
CA LEU A 151 -15.99 -19.54 -7.47
C LEU A 151 -16.84 -18.41 -8.03
N LEU A 152 -17.42 -17.59 -7.15
CA LEU A 152 -18.14 -16.39 -7.60
C LEU A 152 -17.22 -15.19 -7.83
N ASP A 153 -17.33 -14.60 -9.02
CA ASP A 153 -16.44 -13.54 -9.49
C ASP A 153 -17.26 -12.27 -9.78
N TYR A 154 -17.04 -11.25 -8.98
CA TYR A 154 -17.66 -9.93 -9.23
C TYR A 154 -16.84 -9.25 -10.35
N HIS A 155 -17.26 -9.54 -11.58
CA HIS A 155 -16.48 -9.31 -12.83
C HIS A 155 -16.56 -7.85 -13.36
N ARG A 156 -17.75 -7.28 -13.25
CA ARG A 156 -18.06 -5.96 -13.75
C ARG A 156 -19.05 -5.37 -12.77
N ILE A 157 -18.93 -4.06 -12.49
CA ILE A 157 -20.03 -3.36 -11.78
C ILE A 157 -21.29 -3.18 -12.64
N GLY A 158 -21.16 -2.59 -13.83
CA GLY A 158 -22.30 -2.59 -14.75
C GLY A 158 -22.18 -3.86 -15.55
N CYS A 159 -22.81 -3.97 -16.70
CA CYS A 159 -22.74 -5.22 -17.42
C CYS A 159 -22.13 -5.06 -18.82
N THR A 160 -21.23 -4.10 -19.00
CA THR A 160 -20.61 -3.89 -20.32
C THR A 160 -19.11 -4.02 -20.38
N HIS A 161 -18.43 -3.70 -19.30
CA HIS A 161 -16.95 -3.64 -19.38
C HIS A 161 -16.42 -3.70 -17.97
N ILE A 162 -15.13 -3.99 -17.85
CA ILE A 162 -14.53 -4.18 -16.53
C ILE A 162 -13.97 -2.80 -16.12
N GLU A 163 -14.52 -2.19 -15.08
CA GLU A 163 -14.04 -0.89 -14.60
C GLU A 163 -12.68 -1.11 -13.95
N PRO A 164 -11.79 -0.12 -13.99
CA PRO A 164 -10.48 -0.32 -13.36
C PRO A 164 -10.49 -0.43 -11.78
N LEU A 165 -11.54 0.12 -11.16
CA LEU A 165 -11.74 0.16 -9.70
C LEU A 165 -13.03 -0.48 -9.30
N TRP A 166 -13.12 -0.81 -8.01
CA TRP A 166 -14.30 -1.42 -7.45
C TRP A 166 -15.41 -0.38 -7.08
N TYR A 167 -15.43 0.74 -7.78
CA TYR A 167 -16.46 1.76 -7.62
C TYR A 167 -16.41 2.65 -8.86
N THR A 168 -17.52 3.33 -9.10
CA THR A 168 -17.59 4.31 -10.16
C THR A 168 -18.22 5.58 -9.56
N GLU A 169 -18.33 6.63 -10.37
CA GLU A 169 -19.03 7.86 -9.97
C GLU A 169 -20.43 7.55 -9.40
N ASP A 170 -21.13 6.64 -10.04
CA ASP A 170 -22.49 6.25 -9.70
C ASP A 170 -22.67 5.09 -8.71
N PHE A 171 -21.57 4.41 -8.33
CA PHE A 171 -21.66 3.15 -7.57
C PHE A 171 -20.51 3.18 -6.61
N SER A 172 -20.81 3.31 -5.32
CA SER A 172 -19.72 3.59 -4.41
C SER A 172 -19.13 2.29 -3.90
N GLU A 173 -18.01 2.40 -3.18
CA GLU A 173 -17.44 1.25 -2.55
C GLU A 173 -18.38 0.57 -1.56
N GLU A 174 -19.14 1.38 -0.79
CA GLU A 174 -20.17 0.83 0.11
C GLU A 174 -21.26 0.07 -0.69
N ASP A 175 -21.60 0.56 -1.86
CA ASP A 175 -22.55 -0.14 -2.71
C ASP A 175 -21.99 -1.55 -3.16
N PHE A 176 -20.72 -1.55 -3.56
CA PHE A 176 -19.97 -2.75 -3.96
C PHE A 176 -19.91 -3.70 -2.79
N ILE A 177 -19.50 -3.20 -1.62
CA ILE A 177 -19.48 -4.05 -0.41
C ILE A 177 -20.86 -4.63 -0.05
N ASN A 178 -21.87 -3.78 -0.09
CA ASN A 178 -23.24 -4.27 0.11
C ASN A 178 -23.75 -5.30 -0.89
N THR A 179 -23.45 -5.13 -2.17
CA THR A 179 -23.69 -6.21 -3.13
C THR A 179 -22.99 -7.52 -2.68
N TRP A 180 -21.67 -7.48 -2.39
CA TRP A 180 -20.98 -8.71 -1.95
C TRP A 180 -21.60 -9.32 -0.73
N ILE A 181 -22.04 -8.47 0.19
CA ILE A 181 -22.66 -8.98 1.42
C ILE A 181 -23.93 -9.79 1.06
N GLU A 182 -24.71 -9.27 0.10
CA GLU A 182 -25.95 -9.90 -0.31
C GLU A 182 -25.76 -11.20 -1.11
N VAL A 183 -24.80 -11.15 -2.04
CA VAL A 183 -24.29 -12.34 -2.74
C VAL A 183 -23.86 -13.41 -1.72
N ALA A 184 -23.07 -13.00 -0.75
CA ALA A 184 -22.57 -13.90 0.27
C ALA A 184 -23.66 -14.46 1.22
N LYS A 185 -24.68 -13.67 1.53
CA LYS A 185 -25.81 -14.16 2.32
C LYS A 185 -26.57 -15.24 1.56
N ARG A 186 -26.83 -15.02 0.27
CA ARG A 186 -27.58 -15.98 -0.50
C ARG A 186 -26.80 -17.25 -0.89
N PHE A 187 -25.67 -17.08 -1.60
CA PHE A 187 -24.88 -18.19 -2.09
C PHE A 187 -23.97 -18.88 -1.03
N GLY A 188 -23.83 -18.31 0.15
CA GLY A 188 -23.12 -18.99 1.23
C GLY A 188 -23.75 -20.31 1.72
N LYS A 189 -25.05 -20.47 1.47
CA LYS A 189 -25.83 -21.69 1.73
C LYS A 189 -25.56 -22.84 0.74
N TYR A 190 -24.83 -22.59 -0.34
CA TYR A 190 -24.51 -23.66 -1.27
C TYR A 190 -23.18 -24.28 -0.87
N TRP A 191 -23.19 -25.58 -0.50
CA TRP A 191 -21.98 -26.24 0.00
C TRP A 191 -20.73 -26.02 -0.93
N ASN A 192 -20.96 -26.03 -2.24
CA ASN A 192 -19.93 -26.14 -3.27
C ASN A 192 -19.34 -24.74 -3.68
N VAL A 193 -19.92 -23.66 -3.13
CA VAL A 193 -19.37 -22.32 -3.35
C VAL A 193 -18.16 -22.10 -2.39
N ILE A 194 -16.96 -21.98 -2.98
CA ILE A 194 -15.73 -21.88 -2.21
C ILE A 194 -15.43 -20.50 -1.75
N GLY A 195 -16.01 -19.49 -2.38
CA GLY A 195 -15.74 -18.13 -1.96
C GLY A 195 -15.88 -17.10 -3.08
N ALA A 196 -15.19 -15.96 -2.89
CA ALA A 196 -15.46 -14.67 -3.53
C ALA A 196 -14.20 -14.21 -4.14
N ASP A 197 -14.18 -14.08 -5.47
CA ASP A 197 -13.13 -13.37 -6.22
C ASP A 197 -13.60 -11.91 -6.19
N LEU A 198 -12.99 -11.10 -5.32
CA LEU A 198 -13.57 -9.83 -4.85
C LEU A 198 -13.88 -8.84 -5.96
N LYS A 199 -12.94 -8.64 -6.91
CA LYS A 199 -13.23 -7.78 -8.10
C LYS A 199 -12.38 -8.28 -9.24
N ASN A 200 -13.04 -8.58 -10.37
CA ASN A 200 -12.27 -8.97 -11.57
C ASN A 200 -11.31 -7.89 -12.08
N ALA A 201 -10.04 -8.27 -12.18
CA ALA A 201 -9.07 -7.53 -12.96
C ALA A 201 -8.89 -6.03 -12.61
N PRO A 202 -8.55 -5.71 -11.33
CA PRO A 202 -8.21 -4.32 -11.02
C PRO A 202 -7.12 -3.87 -11.98
N HIS A 203 -7.16 -2.62 -12.45
CA HIS A 203 -6.17 -2.18 -13.43
C HIS A 203 -6.14 -0.65 -13.60
N SER A 204 -5.32 -0.17 -14.52
CA SER A 204 -5.22 1.25 -14.74
C SER A 204 -5.86 1.61 -16.14
N VAL A 205 -6.34 2.84 -16.28
CA VAL A 205 -6.91 3.30 -17.56
C VAL A 205 -6.09 4.45 -18.10
N THR A 206 -4.91 4.65 -17.49
CA THR A 206 -3.93 5.67 -17.80
C THR A 206 -2.58 5.05 -17.47
N SER A 207 -1.52 5.70 -17.97
CA SER A 207 -0.12 5.27 -17.81
C SER A 207 0.58 5.86 -16.59
N PRO A 208 1.65 5.18 -16.11
CA PRO A 208 2.60 5.67 -15.12
C PRO A 208 3.60 6.65 -15.74
N PRO A 209 4.23 7.53 -14.91
CA PRO A 209 4.00 7.73 -13.44
C PRO A 209 2.62 8.23 -13.02
N ALA A 210 1.83 8.78 -13.94
CA ALA A 210 0.55 9.34 -13.54
C ALA A 210 -0.41 8.36 -12.85
N ALA A 211 -0.59 7.13 -13.44
CA ALA A 211 -1.58 6.09 -13.01
C ALA A 211 -1.59 5.82 -11.51
N TYR A 212 -0.43 6.02 -10.89
CA TYR A 212 -0.20 5.84 -9.46
C TYR A 212 -0.90 6.88 -8.57
N THR A 213 -1.08 8.10 -9.08
CA THR A 213 -1.64 9.19 -8.25
C THR A 213 -2.93 9.80 -8.78
N ASP A 214 -3.33 9.41 -9.96
CA ASP A 214 -4.42 10.16 -10.58
C ASP A 214 -5.79 9.79 -10.17
N GLY A 215 -5.92 8.78 -9.28
CA GLY A 215 -7.24 8.39 -8.77
C GLY A 215 -8.19 7.65 -9.71
N THR A 216 -7.78 7.38 -10.95
CA THR A 216 -8.69 6.67 -11.92
C THR A 216 -8.43 5.13 -12.04
N GLY A 217 -7.35 4.67 -11.48
CA GLY A 217 -7.06 3.25 -11.57
C GLY A 217 -6.56 2.68 -10.25
N ALA A 218 -6.62 1.35 -10.16
CA ALA A 218 -6.14 0.65 -8.99
C ALA A 218 -4.64 0.71 -8.78
N THR A 219 -4.25 0.77 -7.52
CA THR A 219 -2.83 0.73 -7.09
C THR A 219 -2.63 -0.34 -6.00
N TRP A 220 -1.42 -0.45 -5.51
CA TRP A 220 -1.10 -1.40 -4.50
C TRP A 220 0.18 -0.91 -3.79
N GLY A 221 0.02 -0.45 -2.57
CA GLY A 221 1.24 -0.06 -1.84
C GLY A 221 1.55 1.41 -2.08
N MET A 222 0.66 2.11 -2.76
CA MET A 222 0.91 3.58 -3.08
C MET A 222 0.70 4.42 -1.78
N GLY A 223 -0.28 4.02 -0.97
CA GLY A 223 -0.63 4.75 0.25
C GLY A 223 -2.11 5.07 0.33
N ASN A 224 -2.68 5.58 -0.75
CA ASN A 224 -4.09 5.99 -0.77
C ASN A 224 -5.05 4.80 -0.71
N PRO A 225 -5.72 4.61 0.44
CA PRO A 225 -6.61 3.44 0.65
C PRO A 225 -7.80 3.49 -0.28
N ALA A 226 -7.99 4.63 -0.97
CA ALA A 226 -9.12 4.70 -1.91
C ALA A 226 -8.72 4.09 -3.26
N THR A 227 -7.42 4.00 -3.56
CA THR A 227 -7.02 3.33 -4.82
C THR A 227 -6.24 2.03 -4.58
N ASP A 228 -5.62 1.89 -3.38
CA ASP A 228 -4.66 0.78 -3.08
C ASP A 228 -5.55 -0.48 -2.92
N TRP A 229 -5.48 -1.38 -3.90
CA TRP A 229 -6.27 -2.62 -3.89
C TRP A 229 -5.92 -3.49 -2.72
N ASN A 230 -4.66 -3.48 -2.29
CA ASN A 230 -4.31 -4.28 -1.08
C ASN A 230 -5.10 -3.90 0.20
N LEU A 231 -5.45 -2.61 0.33
CA LEU A 231 -6.22 -2.11 1.46
C LEU A 231 -7.70 -2.27 1.20
N ALA A 232 -8.19 -1.96 0.00
CA ALA A 232 -9.62 -2.21 -0.30
C ALA A 232 -9.95 -3.75 -0.18
N ALA A 233 -9.03 -4.60 -0.61
CA ALA A 233 -9.39 -6.07 -0.58
C ALA A 233 -9.60 -6.48 0.93
N GLU A 234 -8.84 -5.89 1.85
CA GLU A 234 -9.03 -6.11 3.30
C GLU A 234 -10.43 -5.70 3.76
N ARG A 235 -10.87 -4.52 3.36
CA ARG A 235 -12.21 -4.03 3.72
C ARG A 235 -13.32 -4.87 3.17
N ILE A 236 -13.27 -5.12 1.87
CA ILE A 236 -14.33 -5.89 1.25
C ILE A 236 -14.32 -7.35 1.80
N GLY A 237 -13.15 -7.93 1.97
CA GLY A 237 -12.96 -9.30 2.48
C GLY A 237 -13.48 -9.46 3.91
N LYS A 238 -13.17 -8.50 4.81
CA LYS A 238 -13.70 -8.54 6.21
C LYS A 238 -15.22 -8.61 6.22
N ALA A 239 -15.82 -7.74 5.42
CA ALA A 239 -17.25 -7.67 5.20
C ALA A 239 -17.87 -8.98 4.76
N ILE A 240 -17.26 -9.61 3.74
CA ILE A 240 -17.67 -10.94 3.28
C ILE A 240 -17.50 -12.02 4.38
N LEU A 241 -16.40 -11.98 5.10
CA LEU A 241 -16.13 -13.04 6.08
C LEU A 241 -17.02 -12.96 7.36
N LYS A 242 -17.46 -11.77 7.75
CA LYS A 242 -18.54 -11.61 8.77
C LYS A 242 -19.80 -12.37 8.39
N VAL A 243 -20.14 -12.46 7.11
CA VAL A 243 -21.35 -13.17 6.72
C VAL A 243 -21.15 -14.60 6.12
N ALA A 244 -19.98 -14.86 5.53
CA ALA A 244 -19.68 -16.19 4.99
C ALA A 244 -18.36 -16.57 5.57
N PRO A 245 -18.31 -16.86 6.90
CA PRO A 245 -17.02 -17.12 7.52
C PRO A 245 -16.31 -18.36 6.93
N HIS A 246 -17.04 -19.24 6.23
CA HIS A 246 -16.51 -20.52 5.77
C HIS A 246 -15.89 -20.37 4.35
N TRP A 247 -16.09 -19.18 3.75
CA TRP A 247 -15.61 -18.94 2.39
C TRP A 247 -14.16 -18.59 2.31
N LEU A 248 -13.62 -18.73 1.11
CA LEU A 248 -12.32 -18.20 0.77
C LEU A 248 -12.40 -16.78 0.10
N ILE A 249 -11.36 -15.98 0.31
CA ILE A 249 -11.30 -14.63 -0.34
C ILE A 249 -10.19 -14.67 -1.36
N PHE A 250 -10.56 -14.64 -2.63
CA PHE A 250 -9.58 -14.65 -3.74
C PHE A 250 -9.29 -13.21 -4.14
N VAL A 251 -8.05 -12.82 -4.08
CA VAL A 251 -7.64 -11.44 -4.34
C VAL A 251 -6.72 -11.43 -5.56
N GLU A 252 -7.15 -10.77 -6.65
CA GLU A 252 -6.30 -10.66 -7.82
C GLU A 252 -5.21 -9.62 -7.66
N GLY A 253 -4.22 -9.65 -8.55
CA GLY A 253 -3.28 -8.57 -8.74
C GLY A 253 -3.94 -7.34 -9.37
N THR A 254 -3.17 -6.28 -9.40
CA THR A 254 -3.52 -5.08 -10.11
C THR A 254 -2.74 -5.11 -11.47
N GLN A 255 -2.71 -3.98 -12.17
CA GLN A 255 -1.82 -3.87 -13.33
C GLN A 255 -0.51 -3.18 -12.96
N PHE A 256 -0.59 -2.01 -12.31
CA PHE A 256 0.55 -1.37 -11.65
C PHE A 256 0.35 -1.28 -10.13
N THR A 257 1.45 -1.15 -9.40
CA THR A 257 1.37 -1.22 -7.95
C THR A 257 1.92 0.12 -7.37
N ASN A 258 3.22 0.27 -7.29
CA ASN A 258 3.83 1.52 -6.86
C ASN A 258 5.11 1.61 -7.66
N PRO A 259 5.62 2.81 -7.88
CA PRO A 259 6.76 2.83 -8.83
C PRO A 259 7.98 2.11 -8.31
N LYS A 260 8.13 2.00 -6.99
CA LYS A 260 9.34 1.40 -6.49
C LYS A 260 9.28 -0.12 -6.77
N THR A 261 8.05 -0.67 -6.65
CA THR A 261 7.85 -2.12 -6.84
C THR A 261 7.95 -2.46 -8.35
N ASP A 262 7.18 -1.77 -9.17
CA ASP A 262 7.17 -1.98 -10.62
C ASP A 262 8.54 -1.75 -11.26
N SER A 263 9.31 -0.82 -10.71
CA SER A 263 10.65 -0.52 -11.19
C SER A 263 11.66 -1.56 -10.78
N SER A 264 11.30 -2.36 -9.76
CA SER A 264 12.18 -3.43 -9.27
C SER A 264 12.44 -4.56 -10.31
N TYR A 265 11.63 -4.66 -11.37
CA TYR A 265 11.73 -5.75 -12.32
C TYR A 265 11.57 -5.19 -13.75
N LYS A 266 12.43 -5.65 -14.68
CA LYS A 266 12.38 -5.14 -16.07
C LYS A 266 11.04 -5.24 -16.75
N TRP A 267 10.25 -6.24 -16.37
CA TRP A 267 8.89 -6.35 -16.93
C TRP A 267 7.83 -5.95 -15.93
N GLY A 268 8.25 -5.24 -14.87
CA GLY A 268 7.27 -4.66 -13.92
C GLY A 268 6.13 -3.80 -14.50
N TYR A 269 6.44 -3.14 -15.62
CA TYR A 269 5.41 -2.26 -16.21
C TYR A 269 4.60 -3.01 -17.28
N ASN A 270 4.90 -4.30 -17.44
CA ASN A 270 4.18 -5.09 -18.46
C ASN A 270 3.29 -6.28 -17.98
N ALA A 271 2.65 -6.14 -16.79
CA ALA A 271 1.73 -7.15 -16.24
C ALA A 271 0.36 -6.94 -16.81
N TRP A 272 -0.41 -8.03 -16.77
CA TRP A 272 -1.84 -8.07 -17.12
C TRP A 272 -2.71 -7.30 -16.09
N TRP A 273 -3.85 -6.82 -16.54
CA TRP A 273 -4.90 -6.48 -15.60
C TRP A 273 -5.16 -7.74 -14.71
N GLY A 274 -5.28 -7.56 -13.37
CA GLY A 274 -5.43 -8.73 -12.47
C GLY A 274 -4.17 -9.59 -12.32
N GLY A 275 -3.09 -9.13 -12.90
CA GLY A 275 -1.91 -9.95 -13.03
C GLY A 275 -0.69 -9.59 -12.23
N ASN A 276 -0.71 -8.39 -11.63
CA ASN A 276 0.52 -7.90 -11.00
C ASN A 276 0.44 -8.16 -9.47
N LEU A 277 1.14 -9.20 -9.00
CA LEU A 277 1.17 -9.52 -7.56
C LEU A 277 2.58 -9.27 -7.01
N MET A 278 3.36 -8.35 -7.63
CA MET A 278 4.73 -8.10 -7.20
C MET A 278 4.81 -7.38 -5.83
N ALA A 279 3.72 -6.72 -5.41
CA ALA A 279 3.71 -5.98 -4.16
C ALA A 279 3.19 -6.82 -2.99
N VAL A 280 2.98 -8.13 -3.20
CA VAL A 280 2.46 -8.99 -2.11
C VAL A 280 3.55 -9.10 -1.05
N LYS A 281 4.80 -9.14 -1.43
CA LYS A 281 5.83 -9.36 -0.41
C LYS A 281 5.90 -8.21 0.62
N ASP A 282 5.87 -6.96 0.16
CA ASP A 282 6.01 -5.79 1.07
C ASP A 282 4.69 -5.18 1.49
N TYR A 283 3.65 -5.40 0.70
CA TYR A 283 2.33 -4.98 1.04
C TYR A 283 1.31 -6.14 1.05
N PRO A 284 1.49 -7.14 1.96
CA PRO A 284 0.48 -8.20 2.00
C PRO A 284 -0.95 -7.71 2.32
N VAL A 285 -1.98 -8.30 1.70
CA VAL A 285 -3.35 -7.98 2.07
C VAL A 285 -3.55 -8.35 3.60
N ASN A 286 -4.15 -7.47 4.39
CA ASN A 286 -4.21 -7.75 5.85
C ASN A 286 -5.47 -8.53 6.17
N LEU A 287 -5.39 -9.83 5.88
CA LEU A 287 -6.50 -10.80 6.11
C LEU A 287 -5.93 -12.14 6.62
N PRO A 288 -6.77 -12.95 7.31
CA PRO A 288 -6.32 -14.26 7.82
C PRO A 288 -5.69 -15.07 6.72
N ARG A 289 -4.47 -15.48 6.92
CA ARG A 289 -3.82 -16.33 5.95
C ARG A 289 -4.56 -17.60 5.55
N ASN A 290 -5.32 -18.17 6.47
CA ASN A 290 -5.98 -19.44 6.19
C ASN A 290 -7.27 -19.20 5.35
N LYS A 291 -7.64 -17.93 5.16
CA LYS A 291 -8.82 -17.56 4.33
C LYS A 291 -8.50 -16.88 2.94
N LEU A 292 -7.22 -16.62 2.70
CA LEU A 292 -6.80 -15.83 1.56
C LEU A 292 -6.18 -16.65 0.43
N VAL A 293 -6.58 -16.34 -0.81
CA VAL A 293 -5.97 -16.91 -1.98
C VAL A 293 -5.63 -15.74 -2.90
N TYR A 294 -4.37 -15.63 -3.29
CA TYR A 294 -3.86 -14.74 -4.34
C TYR A 294 -4.18 -15.38 -5.71
N SER A 295 -4.76 -14.57 -6.59
CA SER A 295 -5.38 -15.13 -7.79
C SER A 295 -4.99 -14.26 -9.04
N PRO A 296 -3.79 -14.46 -9.57
CA PRO A 296 -3.33 -13.73 -10.78
C PRO A 296 -4.04 -14.22 -12.10
N HIS A 297 -4.26 -13.24 -13.03
CA HIS A 297 -4.61 -13.51 -14.40
C HIS A 297 -3.31 -13.50 -15.13
N VAL A 298 -3.18 -14.41 -16.12
CA VAL A 298 -1.99 -14.43 -16.97
C VAL A 298 -2.37 -14.88 -18.38
N TYR A 299 -1.83 -14.21 -19.40
CA TYR A 299 -2.36 -14.43 -20.76
C TYR A 299 -1.25 -14.51 -21.76
N GLY A 300 -1.58 -14.95 -22.98
CA GLY A 300 -0.58 -15.07 -24.00
C GLY A 300 -0.76 -14.04 -25.11
N PRO A 301 -0.07 -14.25 -26.27
CA PRO A 301 -0.05 -13.21 -27.36
C PRO A 301 -1.41 -12.92 -27.96
N ASP A 302 -2.40 -13.78 -27.76
CA ASP A 302 -3.71 -13.48 -28.30
C ASP A 302 -4.48 -12.37 -27.59
N VAL A 303 -4.03 -12.06 -26.35
CA VAL A 303 -4.74 -11.05 -25.55
C VAL A 303 -4.07 -9.74 -25.78
N TYR A 304 -2.75 -9.76 -25.73
CA TYR A 304 -1.99 -8.57 -25.94
C TYR A 304 -0.60 -8.92 -26.39
N ASN A 305 -0.11 -8.15 -27.33
CA ASN A 305 1.19 -8.37 -27.88
C ASN A 305 2.23 -7.78 -26.95
N GLN A 306 2.49 -8.50 -25.86
CA GLN A 306 3.45 -8.08 -24.83
C GLN A 306 4.86 -8.07 -25.42
N PRO A 307 5.69 -7.08 -25.06
CA PRO A 307 7.06 -7.03 -25.62
C PRO A 307 7.87 -8.26 -25.33
N TYR A 308 7.54 -8.98 -24.27
CA TYR A 308 8.37 -10.12 -23.91
C TYR A 308 7.92 -11.34 -24.68
N PHE A 309 6.84 -11.20 -25.45
CA PHE A 309 6.44 -12.24 -26.44
C PHE A 309 7.25 -12.23 -27.77
N GLY A 310 8.15 -11.27 -27.94
CA GLY A 310 9.00 -11.27 -29.12
C GLY A 310 10.19 -12.17 -28.92
N PRO A 311 10.41 -13.11 -29.83
CA PRO A 311 11.63 -13.84 -29.70
C PRO A 311 12.82 -12.94 -29.43
N ALA A 312 12.76 -11.70 -29.86
CA ALA A 312 13.90 -10.81 -29.72
C ALA A 312 14.15 -10.49 -28.26
N LYS A 313 13.05 -10.41 -27.50
CA LYS A 313 13.10 -10.10 -26.05
C LYS A 313 13.17 -11.38 -25.18
N GLY A 314 13.42 -12.54 -25.82
CA GLY A 314 13.64 -13.87 -25.19
C GLY A 314 12.51 -14.90 -25.19
N PHE A 315 11.38 -14.64 -25.85
CA PHE A 315 10.26 -15.61 -25.89
C PHE A 315 10.72 -16.88 -26.58
N PRO A 316 10.31 -18.07 -26.09
CA PRO A 316 9.49 -18.40 -24.91
C PRO A 316 10.28 -18.75 -23.60
N ASP A 317 11.59 -18.79 -23.69
CA ASP A 317 12.40 -19.29 -22.58
C ASP A 317 12.45 -18.32 -21.41
N ASN A 318 12.25 -17.05 -21.73
CA ASN A 318 12.07 -15.94 -20.82
C ASN A 318 10.83 -16.03 -19.90
N LEU A 319 9.85 -16.86 -20.29
CA LEU A 319 8.59 -16.90 -19.60
C LEU A 319 8.62 -17.40 -18.12
N PRO A 320 9.30 -18.53 -17.82
CA PRO A 320 9.30 -18.89 -16.37
C PRO A 320 9.66 -17.71 -15.43
N ASP A 321 10.66 -16.94 -15.83
CA ASP A 321 11.10 -15.87 -14.93
C ASP A 321 10.16 -14.68 -14.87
N ILE A 322 9.49 -14.35 -15.98
CA ILE A 322 8.38 -13.43 -15.96
C ILE A 322 7.26 -13.79 -14.95
N TRP A 323 6.73 -15.00 -15.13
CA TRP A 323 5.63 -15.52 -14.32
C TRP A 323 6.04 -15.55 -12.85
N TYR A 324 7.26 -15.99 -12.61
CA TYR A 324 7.83 -16.05 -11.27
C TYR A 324 7.75 -14.70 -10.54
N HIS A 325 8.22 -13.64 -11.23
CA HIS A 325 8.36 -12.29 -10.72
C HIS A 325 7.00 -11.66 -10.57
N HIS A 326 6.12 -11.81 -11.56
CA HIS A 326 4.79 -11.21 -11.51
C HIS A 326 3.85 -11.85 -10.42
N PHE A 327 3.92 -13.17 -10.27
CA PHE A 327 3.04 -13.86 -9.33
C PHE A 327 3.58 -15.19 -8.77
N GLY A 328 4.49 -15.88 -9.48
CA GLY A 328 4.87 -17.25 -9.08
C GLY A 328 5.53 -17.29 -7.71
N TYR A 329 6.35 -16.26 -7.38
CA TYR A 329 7.07 -16.20 -6.09
C TYR A 329 6.11 -16.15 -4.88
N VAL A 330 4.86 -15.73 -5.09
CA VAL A 330 3.88 -15.63 -4.04
C VAL A 330 3.57 -17.03 -3.42
N LYS A 331 3.69 -18.04 -4.26
CA LYS A 331 3.49 -19.41 -3.78
C LYS A 331 4.86 -19.95 -3.48
N LEU A 332 5.78 -19.83 -4.44
CA LEU A 332 7.06 -20.56 -4.42
C LEU A 332 8.05 -20.00 -3.37
N GLU A 333 7.97 -18.69 -3.12
CA GLU A 333 8.78 -18.06 -2.09
C GLU A 333 8.04 -17.77 -0.79
N LEU A 334 6.84 -17.23 -0.88
CA LEU A 334 6.11 -16.78 0.30
C LEU A 334 5.14 -17.82 0.89
N GLY A 335 4.93 -18.93 0.17
CA GLY A 335 3.95 -20.00 0.53
C GLY A 335 2.48 -19.69 0.71
N TYR A 336 1.95 -18.67 0.01
CA TYR A 336 0.54 -18.51 0.07
C TYR A 336 -0.07 -19.41 -0.95
N SER A 337 -1.36 -19.67 -0.90
CA SER A 337 -2.13 -20.32 -1.98
C SER A 337 -2.24 -19.33 -3.19
N VAL A 338 -1.92 -19.80 -4.41
CA VAL A 338 -1.97 -19.00 -5.61
C VAL A 338 -2.83 -19.78 -6.62
N VAL A 339 -3.98 -19.24 -7.01
CA VAL A 339 -4.85 -19.93 -7.98
C VAL A 339 -4.92 -19.05 -9.23
N ILE A 340 -4.46 -19.53 -10.38
CA ILE A 340 -4.50 -18.69 -11.60
C ILE A 340 -5.97 -18.60 -12.05
N GLY A 341 -6.60 -17.43 -11.87
CA GLY A 341 -8.04 -17.26 -12.10
C GLY A 341 -8.49 -17.21 -13.54
N GLU A 342 -7.57 -16.85 -14.42
CA GLU A 342 -7.78 -16.74 -15.88
C GLU A 342 -6.47 -16.96 -16.59
N PHE A 343 -6.50 -17.91 -17.54
CA PHE A 343 -5.50 -17.97 -18.57
C PHE A 343 -6.09 -18.63 -19.82
N GLY A 344 -5.52 -18.38 -21.00
CA GLY A 344 -6.16 -18.89 -22.24
C GLY A 344 -5.74 -18.15 -23.45
N GLY A 345 -6.24 -18.64 -24.59
CA GLY A 345 -5.75 -18.16 -25.87
C GLY A 345 -6.32 -19.07 -26.99
N LYS A 346 -6.26 -18.61 -28.24
CA LYS A 346 -6.82 -19.38 -29.38
C LYS A 346 -6.00 -20.61 -29.78
N TYR A 347 -4.77 -20.78 -29.25
CA TYR A 347 -4.01 -22.01 -29.46
C TYR A 347 -3.80 -22.31 -30.96
N GLY A 348 -3.43 -21.25 -31.70
CA GLY A 348 -3.22 -21.26 -33.13
C GLY A 348 -4.45 -21.45 -33.97
N HIS A 349 -5.67 -21.41 -33.41
CA HIS A 349 -6.93 -21.42 -34.20
C HIS A 349 -7.49 -20.06 -34.52
N GLY A 350 -7.06 -19.53 -35.65
CA GLY A 350 -7.41 -18.19 -36.05
C GLY A 350 -6.73 -17.09 -35.25
N GLY A 351 -5.64 -17.37 -34.52
CA GLY A 351 -4.91 -16.30 -33.82
C GLY A 351 -3.41 -16.39 -34.02
N ASP A 352 -2.62 -15.78 -33.13
CA ASP A 352 -1.17 -15.82 -33.21
C ASP A 352 -0.74 -17.29 -32.93
N PRO A 353 0.02 -17.91 -33.86
CA PRO A 353 0.54 -19.27 -33.66
C PRO A 353 1.50 -19.38 -32.43
N ARG A 354 2.09 -18.27 -31.99
CA ARG A 354 2.92 -18.27 -30.78
C ARG A 354 2.11 -18.62 -29.50
N ASP A 355 0.79 -18.54 -29.61
CA ASP A 355 -0.04 -18.91 -28.50
C ASP A 355 0.08 -20.39 -28.19
N VAL A 356 0.37 -21.25 -29.17
CA VAL A 356 0.49 -22.68 -28.87
C VAL A 356 1.72 -22.89 -27.99
N ILE A 357 2.83 -22.28 -28.41
CA ILE A 357 4.05 -22.31 -27.63
C ILE A 357 3.88 -21.73 -26.23
N TRP A 358 3.16 -20.61 -26.14
CA TRP A 358 2.82 -19.96 -24.84
C TRP A 358 1.97 -20.89 -23.93
N GLN A 359 0.87 -21.45 -24.42
CA GLN A 359 0.10 -22.36 -23.59
C GLN A 359 0.88 -23.63 -23.17
N ASN A 360 1.66 -24.21 -24.10
CA ASN A 360 2.49 -25.37 -23.72
C ASN A 360 3.48 -25.05 -22.59
N LYS A 361 4.18 -23.92 -22.78
CA LYS A 361 5.23 -23.52 -21.85
C LYS A 361 4.64 -23.22 -20.46
N LEU A 362 3.44 -22.64 -20.43
CA LEU A 362 2.77 -22.28 -19.15
C LEU A 362 2.31 -23.55 -18.41
N VAL A 363 1.73 -24.50 -19.13
CA VAL A 363 1.33 -25.77 -18.52
C VAL A 363 2.57 -26.56 -18.01
N ASP A 364 3.60 -26.63 -18.82
CA ASP A 364 4.88 -27.18 -18.40
C ASP A 364 5.30 -26.54 -17.09
N TRP A 365 5.25 -25.23 -17.03
CA TRP A 365 5.72 -24.50 -15.81
C TRP A 365 4.81 -24.72 -14.57
N MET A 366 3.49 -24.77 -14.81
CA MET A 366 2.55 -25.00 -13.74
C MET A 366 2.68 -26.41 -13.19
N ILE A 367 2.93 -27.36 -14.10
CA ILE A 367 3.11 -28.75 -13.67
C ILE A 367 4.42 -28.88 -12.82
N GLU A 368 5.53 -28.32 -13.33
CA GLU A 368 6.82 -28.38 -12.67
C GLU A 368 6.79 -27.72 -11.30
N ASN A 369 6.04 -26.60 -11.18
CA ASN A 369 6.05 -25.82 -9.94
C ASN A 369 4.83 -26.03 -9.06
N LYS A 370 4.00 -27.00 -9.47
CA LYS A 370 2.85 -27.41 -8.68
C LYS A 370 1.75 -26.35 -8.53
N PHE A 371 1.48 -25.63 -9.63
CA PHE A 371 0.33 -24.77 -9.63
C PHE A 371 -0.77 -25.63 -10.18
N CYS A 372 -1.55 -26.26 -9.32
CA CYS A 372 -2.50 -27.21 -9.88
C CYS A 372 -3.89 -26.70 -9.78
N ASP A 373 -4.05 -25.44 -9.31
CA ASP A 373 -5.37 -24.86 -9.13
C ASP A 373 -5.51 -23.76 -10.21
N PHE A 374 -6.59 -23.76 -10.98
CA PHE A 374 -6.65 -22.84 -12.15
C PHE A 374 -8.06 -22.78 -12.64
N PHE A 375 -8.40 -21.68 -13.30
CA PHE A 375 -9.62 -21.57 -14.10
C PHE A 375 -9.26 -21.10 -15.51
N TYR A 376 -9.57 -21.93 -16.51
CA TYR A 376 -9.19 -21.65 -17.88
C TYR A 376 -10.13 -20.58 -18.40
N TRP A 377 -9.62 -19.69 -19.23
CA TRP A 377 -10.52 -18.74 -19.90
C TRP A 377 -10.58 -19.05 -21.39
N SER A 378 -11.70 -19.59 -21.87
CA SER A 378 -12.94 -19.82 -21.14
C SER A 378 -13.60 -21.09 -21.68
N TRP A 379 -14.62 -21.62 -21.02
CA TRP A 379 -15.42 -22.64 -21.63
C TRP A 379 -16.03 -22.16 -23.01
N ASN A 380 -16.58 -20.93 -22.98
CA ASN A 380 -17.28 -20.27 -24.07
C ASN A 380 -16.36 -20.14 -25.26
N PRO A 381 -16.86 -20.40 -26.49
CA PRO A 381 -16.05 -20.08 -27.66
C PRO A 381 -16.09 -18.54 -27.94
N ASP A 382 -17.12 -17.87 -27.44
CA ASP A 382 -17.34 -16.42 -27.83
C ASP A 382 -16.52 -15.37 -27.05
N SER A 383 -15.31 -15.73 -26.64
CA SER A 383 -14.42 -14.73 -26.14
C SER A 383 -13.65 -14.32 -27.38
N GLY A 384 -13.81 -13.05 -27.72
CA GLY A 384 -13.27 -12.55 -28.97
C GLY A 384 -11.78 -12.72 -29.12
N ASP A 385 -10.98 -12.54 -28.07
CA ASP A 385 -9.53 -12.63 -28.24
C ASP A 385 -8.93 -14.00 -27.87
N THR A 386 -9.65 -14.85 -27.17
CA THR A 386 -9.06 -16.11 -26.70
C THR A 386 -9.76 -17.34 -27.27
N GLY A 387 -10.95 -17.18 -27.83
CA GLY A 387 -11.84 -18.33 -28.13
C GLY A 387 -11.95 -19.08 -26.81
N GLY A 388 -12.33 -20.35 -26.87
CA GLY A 388 -12.51 -21.16 -25.65
C GLY A 388 -12.20 -22.63 -25.81
N ILE A 389 -12.66 -23.40 -24.83
CA ILE A 389 -12.52 -24.84 -24.97
C ILE A 389 -13.41 -25.34 -26.11
N LEU A 390 -14.66 -24.86 -26.12
CA LEU A 390 -15.65 -25.18 -27.13
C LEU A 390 -15.35 -24.40 -28.38
N GLN A 391 -15.64 -25.04 -29.51
CA GLN A 391 -15.49 -24.37 -30.79
C GLN A 391 -16.73 -23.50 -31.04
N ASP A 392 -16.67 -22.67 -32.09
CA ASP A 392 -17.79 -21.73 -32.41
C ASP A 392 -19.17 -22.38 -32.52
N ASP A 393 -19.21 -23.72 -32.66
CA ASP A 393 -20.48 -24.43 -32.72
C ASP A 393 -21.05 -24.68 -31.33
N TRP A 394 -20.36 -24.20 -30.28
CA TRP A 394 -20.85 -24.44 -28.91
C TRP A 394 -21.05 -25.92 -28.51
N THR A 395 -20.49 -26.84 -29.29
CA THR A 395 -20.77 -28.27 -29.12
C THR A 395 -19.49 -29.10 -29.03
N THR A 396 -18.55 -28.81 -29.94
CA THR A 396 -17.31 -29.52 -30.13
C THR A 396 -16.10 -28.79 -29.51
N ILE A 397 -15.11 -29.55 -29.04
CA ILE A 397 -13.93 -28.93 -28.36
C ILE A 397 -12.76 -28.84 -29.31
N TRP A 398 -11.91 -27.85 -29.08
CA TRP A 398 -10.64 -27.79 -29.77
C TRP A 398 -9.79 -28.85 -29.10
N GLU A 399 -9.59 -29.98 -29.81
CA GLU A 399 -8.96 -31.14 -29.26
C GLU A 399 -7.53 -30.87 -28.78
N ASP A 400 -6.77 -30.14 -29.61
CA ASP A 400 -5.40 -29.86 -29.26
C ASP A 400 -5.23 -28.88 -28.09
N LYS A 401 -6.09 -27.86 -28.01
CA LYS A 401 -6.02 -26.89 -26.93
C LYS A 401 -6.32 -27.64 -25.62
N TYR A 402 -7.39 -28.43 -25.66
CA TYR A 402 -7.81 -29.20 -24.49
C TYR A 402 -6.75 -30.25 -24.14
N ASN A 403 -6.25 -30.98 -25.14
CA ASN A 403 -5.22 -31.95 -24.84
C ASN A 403 -4.07 -31.40 -24.04
N ASN A 404 -3.65 -30.17 -24.39
CA ASN A 404 -2.55 -29.55 -23.66
C ASN A 404 -3.02 -29.24 -22.21
N LEU A 405 -4.25 -28.77 -22.06
CA LEU A 405 -4.76 -28.40 -20.74
C LEU A 405 -4.87 -29.61 -19.83
N LYS A 406 -5.31 -30.72 -20.43
CA LYS A 406 -5.43 -32.05 -19.84
C LYS A 406 -4.20 -32.54 -19.03
N ARG A 407 -2.99 -32.23 -19.47
CA ARG A 407 -1.76 -32.56 -18.72
C ARG A 407 -1.77 -32.11 -17.28
N LEU A 408 -2.39 -30.95 -16.99
CA LEU A 408 -2.55 -30.44 -15.63
C LEU A 408 -3.53 -31.24 -14.81
N MET A 409 -4.49 -31.87 -15.48
CA MET A 409 -5.42 -32.67 -14.75
C MET A 409 -4.85 -34.06 -14.42
N ASP A 410 -3.70 -34.42 -15.05
CA ASP A 410 -3.02 -35.74 -14.92
C ASP A 410 -1.65 -35.62 -14.20
N GLN B 34 -22.72 43.44 7.38
CA GLN B 34 -21.27 43.76 7.10
C GLN B 34 -20.54 42.40 7.20
N THR B 35 -20.58 41.77 8.39
CA THR B 35 -19.86 40.48 8.67
C THR B 35 -20.26 39.66 9.93
N PRO B 36 -20.52 38.35 9.75
CA PRO B 36 -20.79 37.45 10.89
C PRO B 36 -19.60 37.09 11.75
N THR B 37 -18.40 37.48 11.34
CA THR B 37 -17.20 37.01 12.02
C THR B 37 -16.47 38.12 12.74
N GLY B 38 -16.85 39.37 12.41
CA GLY B 38 -16.09 40.57 12.86
C GLY B 38 -14.95 40.87 11.85
N ILE B 39 -14.76 40.01 10.84
CA ILE B 39 -13.70 40.17 9.84
C ILE B 39 -14.33 40.47 8.50
N TYR B 40 -13.82 41.47 7.77
CA TYR B 40 -14.41 41.84 6.47
C TYR B 40 -13.28 41.91 5.42
N TYR B 41 -13.46 41.25 4.28
CA TYR B 41 -12.45 41.35 3.17
C TYR B 41 -12.85 42.31 2.06
N GLU B 42 -11.86 43.08 1.61
CA GLU B 42 -12.10 44.04 0.51
C GLU B 42 -10.87 44.19 -0.38
N VAL B 43 -11.12 44.45 -1.64
CA VAL B 43 -10.08 44.79 -2.59
C VAL B 43 -10.07 46.32 -2.72
N ARG B 44 -8.88 46.94 -2.52
CA ARG B 44 -8.71 48.34 -2.75
C ARG B 44 -7.58 48.42 -3.73
N GLY B 45 -7.79 49.13 -4.82
CA GLY B 45 -6.73 49.16 -5.85
C GLY B 45 -6.61 47.74 -6.39
N ASP B 46 -5.39 47.17 -6.35
CA ASP B 46 -5.17 45.78 -6.74
C ASP B 46 -4.71 44.89 -5.53
N THR B 47 -5.07 45.30 -4.33
CA THR B 47 -4.57 44.73 -3.08
C THR B 47 -5.74 44.25 -2.27
N ILE B 48 -5.58 43.04 -1.72
CA ILE B 48 -6.54 42.54 -0.76
C ILE B 48 -6.24 43.09 0.65
N TYR B 49 -7.29 43.58 1.31
CA TYR B 49 -7.20 44.11 2.67
C TYR B 49 -8.10 43.29 3.58
N MET B 50 -7.64 43.07 4.79
CA MET B 50 -8.44 42.47 5.83
C MET B 50 -8.76 43.55 6.85
N ILE B 51 -10.08 43.67 7.17
CA ILE B 51 -10.66 44.58 8.17
C ILE B 51 -11.16 43.81 9.40
N ASN B 52 -10.71 44.20 10.60
CA ASN B 52 -11.25 43.66 11.88
C ASN B 52 -12.13 44.75 12.46
N VAL B 53 -13.47 44.61 12.36
CA VAL B 53 -14.39 45.67 12.76
C VAL B 53 -14.36 45.93 14.26
N THR B 54 -13.78 45.02 15.02
CA THR B 54 -13.74 45.16 16.52
C THR B 54 -12.52 45.93 17.01
N SER B 55 -11.33 45.58 16.54
CA SER B 55 -10.14 46.40 16.84
C SER B 55 -10.09 47.63 15.95
N GLY B 56 -10.77 47.57 14.80
CA GLY B 56 -10.70 48.59 13.75
C GLY B 56 -9.50 48.41 12.82
N GLU B 57 -8.64 47.44 13.10
CA GLU B 57 -7.48 47.25 12.28
C GLU B 57 -7.80 46.86 10.86
N GLU B 58 -7.08 47.52 9.95
CA GLU B 58 -7.09 47.17 8.53
C GLU B 58 -5.67 47.16 7.97
N THR B 59 -5.29 46.01 7.40
CA THR B 59 -3.99 45.78 6.79
C THR B 59 -4.15 45.14 5.39
N PRO B 60 -3.15 45.37 4.51
CA PRO B 60 -3.10 44.59 3.27
C PRO B 60 -2.73 43.14 3.64
N ILE B 61 -3.22 42.16 2.91
CA ILE B 61 -2.78 40.81 3.16
C ILE B 61 -2.14 40.31 1.89
N HIS B 62 -1.22 39.40 2.02
CA HIS B 62 -0.68 38.66 0.85
C HIS B 62 -1.02 37.20 1.08
N LEU B 63 -1.28 36.49 0.00
CA LEU B 63 -1.65 35.09 0.06
C LEU B 63 -0.44 34.33 -0.46
N PHE B 64 0.26 33.72 0.46
CA PHE B 64 1.36 32.80 0.10
C PHE B 64 0.76 31.42 0.23
N GLY B 65 0.12 30.93 -0.85
CA GLY B 65 -0.79 29.78 -0.70
C GLY B 65 -0.40 28.46 -1.33
N VAL B 66 -0.98 27.38 -0.80
CA VAL B 66 -0.89 26.05 -1.41
C VAL B 66 -2.25 25.51 -1.61
N ASN B 67 -2.42 24.73 -2.67
CA ASN B 67 -3.58 23.87 -2.81
C ASN B 67 -3.39 22.57 -2.04
N TRP B 68 -4.28 22.29 -1.10
CA TRP B 68 -4.30 20.98 -0.43
C TRP B 68 -5.56 20.27 -0.90
N PHE B 69 -5.42 19.29 -1.79
CA PHE B 69 -6.61 18.75 -2.46
C PHE B 69 -7.02 17.35 -1.92
N GLY B 70 -8.22 16.89 -2.32
CA GLY B 70 -8.77 15.60 -1.87
C GLY B 70 -10.25 15.61 -1.56
N PHE B 71 -10.79 16.74 -1.05
CA PHE B 71 -12.26 16.87 -0.90
C PHE B 71 -13.04 16.87 -2.21
N GLU B 72 -12.37 16.99 -3.35
CA GLU B 72 -13.02 16.95 -4.68
C GLU B 72 -12.92 15.54 -5.31
N THR B 73 -12.23 14.61 -4.65
CA THR B 73 -11.93 13.30 -5.19
C THR B 73 -12.79 12.22 -4.46
N PRO B 74 -12.72 10.94 -4.91
CA PRO B 74 -13.53 9.89 -4.22
C PRO B 74 -13.15 9.62 -2.77
N ASN B 75 -11.97 10.10 -2.33
CA ASN B 75 -11.65 10.15 -0.91
C ASN B 75 -12.58 11.00 -0.06
N HIS B 76 -13.07 12.13 -0.62
CA HIS B 76 -13.92 13.06 0.12
C HIS B 76 -13.21 13.56 1.32
N VAL B 77 -11.92 13.75 1.18
CA VAL B 77 -11.13 14.37 2.23
C VAL B 77 -9.79 14.74 1.65
N VAL B 78 -9.15 15.77 2.24
CA VAL B 78 -7.80 16.13 1.82
C VAL B 78 -6.95 14.88 1.86
N HIS B 79 -6.03 14.74 0.90
CA HIS B 79 -5.22 13.53 0.89
C HIS B 79 -4.11 13.59 1.87
N GLY B 80 -3.50 12.43 2.09
CA GLY B 80 -2.32 12.34 2.90
C GLY B 80 -2.56 11.98 4.36
N LEU B 81 -3.82 11.90 4.81
CA LEU B 81 -4.18 11.52 6.21
C LEU B 81 -4.03 10.01 6.56
N TRP B 82 -3.69 9.20 5.55
CA TRP B 82 -3.26 7.84 5.79
C TRP B 82 -1.81 7.81 6.31
N LYS B 83 -1.10 8.89 6.11
CA LYS B 83 0.27 8.98 6.52
C LYS B 83 0.51 10.10 7.53
N ARG B 84 -0.34 11.12 7.61
CA ARG B 84 -0.01 12.26 8.48
C ARG B 84 -1.20 12.62 9.32
N ASN B 85 -0.91 13.23 10.48
CA ASN B 85 -1.95 13.90 11.25
C ASN B 85 -2.29 15.25 10.55
N TRP B 86 -3.56 15.62 10.51
CA TRP B 86 -4.00 16.76 9.74
C TRP B 86 -3.51 18.08 10.36
N GLU B 87 -3.43 18.20 11.71
CA GLU B 87 -2.91 19.44 12.33
C GLU B 87 -1.45 19.62 12.07
N ASP B 88 -0.73 18.51 12.21
CA ASP B 88 0.64 18.50 11.86
C ASP B 88 0.94 18.98 10.41
N MET B 89 0.16 18.50 9.44
CA MET B 89 0.24 19.06 8.07
C MET B 89 0.05 20.59 8.05
N LEU B 90 -1.00 21.10 8.71
CA LEU B 90 -1.23 22.57 8.78
C LEU B 90 -0.06 23.28 9.47
N LEU B 91 0.45 22.70 10.54
CA LEU B 91 1.63 23.36 11.19
C LEU B 91 2.83 23.45 10.26
N GLN B 92 3.10 22.37 9.52
CA GLN B 92 4.25 22.34 8.56
C GLN B 92 4.07 23.36 7.43
N ILE B 93 2.84 23.46 6.90
CA ILE B 93 2.52 24.49 5.88
C ILE B 93 2.88 25.86 6.41
N LYS B 94 2.37 26.22 7.61
CA LYS B 94 2.71 27.49 8.24
C LYS B 94 4.24 27.63 8.50
N SER B 95 4.84 26.54 8.88
CA SER B 95 6.28 26.59 9.21
C SER B 95 7.16 26.93 7.97
N LEU B 96 6.64 26.65 6.78
CA LEU B 96 7.39 26.98 5.58
C LEU B 96 7.06 28.39 5.02
N GLY B 97 6.31 29.18 5.75
CA GLY B 97 6.05 30.55 5.32
C GLY B 97 4.73 30.79 4.57
N PHE B 98 3.95 29.72 4.35
CA PHE B 98 2.63 29.83 3.74
C PHE B 98 1.60 30.30 4.73
N ASN B 99 0.67 31.13 4.27
CA ASN B 99 -0.36 31.63 5.16
C ASN B 99 -1.74 31.48 4.50
N ALA B 100 -1.86 30.58 3.52
CA ALA B 100 -3.14 30.42 2.85
C ALA B 100 -3.26 29.09 2.21
N ILE B 101 -4.47 28.56 2.18
CA ILE B 101 -4.70 27.30 1.51
C ILE B 101 -5.92 27.46 0.60
N ARG B 102 -5.85 26.98 -0.64
CA ARG B 102 -6.99 26.82 -1.50
C ARG B 102 -7.44 25.38 -1.32
N LEU B 103 -8.74 25.24 -1.12
CA LEU B 103 -9.32 23.94 -0.63
C LEU B 103 -10.40 23.52 -1.64
N PRO B 104 -10.01 22.77 -2.66
CA PRO B 104 -10.90 22.21 -3.70
C PRO B 104 -11.94 21.30 -3.02
N PHE B 105 -13.16 21.41 -3.45
CA PHE B 105 -14.21 20.44 -3.00
C PHE B 105 -15.11 20.06 -4.17
N CYS B 106 -15.89 18.98 -3.98
CA CYS B 106 -16.93 18.55 -4.96
C CYS B 106 -18.28 18.56 -4.25
N THR B 107 -19.37 18.50 -5.04
CA THR B 107 -20.69 18.71 -4.48
C THR B 107 -20.94 17.75 -3.30
N GLU B 108 -20.58 16.48 -3.45
CA GLU B 108 -20.79 15.43 -2.44
C GLU B 108 -20.06 15.69 -1.09
N SER B 109 -18.84 16.24 -1.15
CA SER B 109 -18.04 16.52 0.09
C SER B 109 -18.69 17.54 1.00
N VAL B 110 -19.47 18.42 0.42
CA VAL B 110 -20.11 19.46 1.22
C VAL B 110 -21.59 19.11 1.57
N LYS B 111 -22.01 17.89 1.27
CA LYS B 111 -23.33 17.38 1.73
C LYS B 111 -23.12 16.62 3.04
N PRO B 112 -24.02 16.84 4.02
CA PRO B 112 -23.94 16.11 5.27
C PRO B 112 -23.90 14.59 5.03
N GLY B 113 -23.07 13.85 5.78
CA GLY B 113 -23.16 12.41 5.73
C GLY B 113 -22.40 11.69 4.64
N THR B 114 -21.42 12.37 4.03
CA THR B 114 -20.53 11.73 3.05
C THR B 114 -19.37 11.24 3.83
N GLN B 115 -19.03 9.98 3.65
CA GLN B 115 -18.00 9.39 4.51
C GLN B 115 -16.64 9.46 3.80
N PRO B 116 -15.62 9.92 4.49
CA PRO B 116 -14.30 10.00 3.86
C PRO B 116 -13.65 8.66 3.81
N ILE B 117 -12.82 8.43 2.81
CA ILE B 117 -11.98 7.24 2.82
C ILE B 117 -10.50 7.64 2.82
N GLY B 118 -9.69 6.92 3.58
CA GLY B 118 -8.27 7.11 3.51
C GLY B 118 -7.76 7.99 4.60
N ILE B 119 -8.17 7.67 5.84
CA ILE B 119 -7.63 8.38 7.02
C ILE B 119 -7.12 7.34 7.97
N ASP B 120 -5.91 7.53 8.46
CA ASP B 120 -5.38 6.67 9.43
C ASP B 120 -5.81 7.29 10.75
N TYR B 121 -6.79 6.64 11.38
CA TYR B 121 -7.36 7.15 12.65
C TYR B 121 -6.49 6.92 13.84
N SER B 122 -5.60 5.96 13.77
CA SER B 122 -4.57 5.95 14.80
C SER B 122 -3.79 7.26 14.79
N LYS B 123 -3.59 7.88 13.61
CA LYS B 123 -2.88 9.16 13.45
C LYS B 123 -3.80 10.36 13.60
N ASN B 124 -5.10 10.15 13.34
CA ASN B 124 -6.14 11.20 13.35
C ASN B 124 -7.34 10.81 14.19
N PRO B 125 -7.12 10.50 15.50
CA PRO B 125 -8.25 9.97 16.38
C PRO B 125 -9.38 10.98 16.50
N ASP B 126 -9.04 12.27 16.53
CA ASP B 126 -10.13 13.27 16.56
C ASP B 126 -11.00 13.37 15.31
N LEU B 127 -10.66 12.61 14.24
CA LEU B 127 -11.49 12.53 13.04
C LEU B 127 -12.47 11.33 13.02
N ARG B 128 -12.36 10.39 13.98
CA ARG B 128 -13.31 9.23 14.00
C ARG B 128 -14.76 9.61 14.02
N GLY B 129 -15.51 9.04 13.07
CA GLY B 129 -16.93 9.20 13.03
C GLY B 129 -17.42 10.46 12.42
N LEU B 130 -16.48 11.34 11.98
CA LEU B 130 -16.86 12.59 11.28
C LEU B 130 -17.02 12.32 9.78
N ASP B 131 -18.04 12.98 9.22
CA ASP B 131 -18.23 13.06 7.81
C ASP B 131 -17.28 14.09 7.14
N SER B 132 -17.31 14.16 5.83
CA SER B 132 -16.36 14.99 5.10
C SER B 132 -16.59 16.45 5.48
N LEU B 133 -17.85 16.85 5.66
CA LEU B 133 -18.17 18.22 6.02
C LEU B 133 -17.62 18.66 7.40
N GLN B 134 -17.69 17.78 8.40
CA GLN B 134 -17.26 18.06 9.74
C GLN B 134 -15.76 18.06 9.80
N ILE B 135 -15.13 17.25 8.95
CA ILE B 135 -13.65 17.32 8.80
C ILE B 135 -13.19 18.69 8.21
N MET B 136 -13.80 19.11 7.11
CA MET B 136 -13.51 20.41 6.50
C MET B 136 -13.64 21.53 7.52
N GLU B 137 -14.66 21.43 8.36
CA GLU B 137 -14.94 22.46 9.40
C GLU B 137 -13.84 22.55 10.42
N LYS B 138 -13.40 21.38 10.87
CA LYS B 138 -12.34 21.26 11.83
C LYS B 138 -10.98 21.70 11.27
N ILE B 139 -10.65 21.30 10.04
CA ILE B 139 -9.46 21.81 9.37
C ILE B 139 -9.47 23.36 9.22
N ILE B 140 -10.57 23.93 8.73
CA ILE B 140 -10.57 25.34 8.48
C ILE B 140 -10.47 26.11 9.76
N LYS B 141 -11.10 25.57 10.84
CA LYS B 141 -11.09 26.20 12.16
C LYS B 141 -9.70 26.29 12.72
N LYS B 142 -9.00 25.18 12.70
CA LYS B 142 -7.59 25.14 13.09
C LYS B 142 -6.65 26.00 12.20
N ALA B 143 -6.89 26.00 10.89
CA ALA B 143 -6.11 26.86 10.01
C ALA B 143 -6.25 28.30 10.50
N GLY B 144 -7.46 28.72 10.84
CA GLY B 144 -7.77 30.01 11.54
C GLY B 144 -6.90 30.29 12.75
N ASP B 145 -6.80 29.32 13.65
CA ASP B 145 -6.02 29.49 14.86
C ASP B 145 -4.56 29.71 14.56
N LEU B 146 -4.11 29.11 13.47
CA LEU B 146 -2.79 29.30 12.92
C LEU B 146 -2.59 30.53 12.00
N GLY B 147 -3.64 31.29 11.77
CA GLY B 147 -3.51 32.48 10.94
C GLY B 147 -3.44 32.16 9.42
N ILE B 148 -4.03 31.01 9.01
CA ILE B 148 -4.03 30.59 7.61
C ILE B 148 -5.39 30.90 6.99
N PHE B 149 -5.35 31.71 5.92
CA PHE B 149 -6.55 32.01 5.13
C PHE B 149 -6.95 30.82 4.29
N VAL B 150 -8.25 30.65 4.10
CA VAL B 150 -8.79 29.55 3.31
C VAL B 150 -9.63 30.12 2.20
N LEU B 151 -9.32 29.65 0.99
CA LEU B 151 -10.11 29.99 -0.20
C LEU B 151 -10.86 28.70 -0.64
N LEU B 152 -12.19 28.72 -0.60
CA LEU B 152 -13.00 27.56 -1.02
C LEU B 152 -13.16 27.51 -2.51
N ASP B 153 -12.92 26.34 -3.10
CA ASP B 153 -12.83 26.19 -4.51
C ASP B 153 -13.82 25.08 -4.93
N TYR B 154 -14.91 25.45 -5.58
CA TYR B 154 -15.82 24.46 -6.15
C TYR B 154 -15.17 23.86 -7.37
N HIS B 155 -14.45 22.76 -7.15
CA HIS B 155 -13.49 22.24 -8.08
C HIS B 155 -14.04 21.28 -9.12
N ARG B 156 -15.03 20.49 -8.70
CA ARG B 156 -15.72 19.49 -9.56
C ARG B 156 -17.23 19.46 -9.11
N ILE B 157 -18.16 19.30 -10.03
CA ILE B 157 -19.54 18.96 -9.68
C ILE B 157 -19.61 17.49 -9.22
N GLY B 158 -19.14 16.54 -10.02
CA GLY B 158 -18.94 15.16 -9.57
C GLY B 158 -17.63 15.07 -8.80
N CYS B 159 -17.20 13.85 -8.48
CA CYS B 159 -15.95 13.71 -7.70
C CYS B 159 -14.86 13.01 -8.49
N THR B 160 -14.92 13.13 -9.81
CA THR B 160 -13.93 12.49 -10.65
C THR B 160 -13.14 13.38 -11.63
N HIS B 161 -13.67 14.48 -12.10
CA HIS B 161 -12.90 15.25 -13.08
C HIS B 161 -13.56 16.58 -13.16
N ILE B 162 -12.84 17.50 -13.76
CA ILE B 162 -13.32 18.87 -13.93
C ILE B 162 -14.17 19.05 -15.19
N GLU B 163 -15.42 19.47 -14.98
CA GLU B 163 -16.40 19.66 -16.05
C GLU B 163 -16.09 20.98 -16.74
N PRO B 164 -16.33 21.09 -18.07
CA PRO B 164 -16.09 22.38 -18.77
C PRO B 164 -17.01 23.52 -18.29
N LEU B 165 -18.21 23.16 -17.87
CA LEU B 165 -19.21 24.18 -17.49
C LEU B 165 -19.57 24.08 -16.03
N TRP B 166 -20.21 25.11 -15.48
CA TRP B 166 -20.73 25.06 -14.12
C TRP B 166 -22.07 24.30 -14.02
N TYR B 167 -22.34 23.43 -14.97
CA TYR B 167 -23.56 22.60 -14.91
C TYR B 167 -23.39 21.39 -15.83
N THR B 168 -24.05 20.28 -15.52
CA THR B 168 -24.04 19.12 -16.43
C THR B 168 -25.49 18.72 -16.88
N GLU B 169 -25.57 17.57 -17.58
CA GLU B 169 -26.87 16.96 -17.90
C GLU B 169 -27.76 16.79 -16.62
N ASP B 170 -27.25 16.28 -15.50
CA ASP B 170 -28.08 16.12 -14.30
C ASP B 170 -27.87 17.01 -13.08
N PHE B 171 -27.17 18.13 -13.29
CA PHE B 171 -26.87 19.11 -12.24
C PHE B 171 -26.90 20.50 -12.85
N SER B 172 -27.90 21.28 -12.50
CA SER B 172 -28.14 22.53 -13.19
C SER B 172 -27.37 23.68 -12.55
N GLU B 173 -27.32 24.83 -13.23
CA GLU B 173 -26.79 26.02 -12.58
C GLU B 173 -27.49 26.35 -11.26
N GLU B 174 -28.80 26.09 -11.16
CA GLU B 174 -29.54 26.38 -9.93
C GLU B 174 -29.07 25.48 -8.78
N ASP B 175 -28.76 24.21 -9.05
CA ASP B 175 -28.15 23.31 -8.06
C ASP B 175 -26.69 23.76 -7.65
N PHE B 176 -25.91 24.21 -8.62
CA PHE B 176 -24.55 24.75 -8.41
C PHE B 176 -24.67 25.97 -7.50
N ILE B 177 -25.46 26.96 -7.89
CA ILE B 177 -25.75 28.10 -7.01
C ILE B 177 -26.28 27.74 -5.62
N ASN B 178 -27.24 26.82 -5.56
CA ASN B 178 -27.75 26.42 -4.25
C ASN B 178 -26.69 25.77 -3.40
N THR B 179 -25.81 24.97 -4.03
CA THR B 179 -24.69 24.37 -3.29
C THR B 179 -23.79 25.46 -2.69
N TRP B 180 -23.46 26.46 -3.52
CA TRP B 180 -22.62 27.62 -3.06
C TRP B 180 -23.29 28.41 -1.94
N ILE B 181 -24.61 28.64 -2.07
CA ILE B 181 -25.38 29.28 -0.98
C ILE B 181 -25.24 28.48 0.34
N GLU B 182 -25.41 27.17 0.29
CA GLU B 182 -25.25 26.34 1.50
C GLU B 182 -23.84 26.43 2.07
N VAL B 183 -22.84 26.27 1.19
CA VAL B 183 -21.39 26.42 1.59
C VAL B 183 -21.14 27.81 2.23
N ALA B 184 -21.64 28.87 1.59
CA ALA B 184 -21.41 30.22 2.08
C ALA B 184 -22.10 30.48 3.45
N LYS B 185 -23.27 29.85 3.62
CA LYS B 185 -24.04 30.10 4.83
C LYS B 185 -23.28 29.45 5.95
N ARG B 186 -22.70 28.28 5.64
CA ARG B 186 -22.00 27.50 6.65
C ARG B 186 -20.63 28.07 6.92
N PHE B 187 -19.84 28.26 5.88
CA PHE B 187 -18.44 28.60 6.09
C PHE B 187 -18.19 30.11 6.24
N GLY B 188 -19.18 30.91 5.91
CA GLY B 188 -19.15 32.33 6.20
C GLY B 188 -18.80 32.62 7.67
N LYS B 189 -19.05 31.66 8.56
CA LYS B 189 -18.90 31.85 10.00
C LYS B 189 -17.49 31.72 10.45
N TYR B 190 -16.61 31.34 9.53
CA TYR B 190 -15.19 31.08 9.86
C TYR B 190 -14.43 32.27 9.40
N TRP B 191 -13.79 32.97 10.36
CA TRP B 191 -13.17 34.30 10.09
C TRP B 191 -12.14 34.29 8.90
N ASN B 192 -11.40 33.21 8.79
CA ASN B 192 -10.26 33.07 7.92
C ASN B 192 -10.62 32.59 6.54
N VAL B 193 -11.89 32.32 6.30
CA VAL B 193 -12.33 31.93 4.94
C VAL B 193 -12.49 33.25 4.16
N ILE B 194 -11.70 33.41 3.08
CA ILE B 194 -11.63 34.74 2.49
C ILE B 194 -12.65 34.85 1.40
N GLY B 195 -13.12 33.70 0.92
CA GLY B 195 -14.16 33.72 -0.06
C GLY B 195 -14.21 32.49 -0.97
N ALA B 196 -14.71 32.74 -2.18
CA ALA B 196 -15.24 31.70 -3.03
C ALA B 196 -14.58 31.80 -4.45
N ASP B 197 -13.81 30.77 -4.81
CA ASP B 197 -13.34 30.52 -6.17
C ASP B 197 -14.50 29.78 -6.87
N LEU B 198 -15.27 30.52 -7.69
CA LEU B 198 -16.64 30.10 -8.11
C LEU B 198 -16.74 28.76 -8.82
N LYS B 199 -15.84 28.55 -9.80
CA LYS B 199 -15.77 27.31 -10.49
C LYS B 199 -14.39 27.08 -11.03
N ASN B 200 -13.87 25.89 -10.76
CA ASN B 200 -12.50 25.62 -11.14
C ASN B 200 -12.35 25.34 -12.60
N ALA B 201 -11.31 25.95 -13.18
CA ALA B 201 -10.86 25.70 -14.55
C ALA B 201 -12.04 25.52 -15.62
N PRO B 202 -12.88 26.59 -15.79
CA PRO B 202 -13.84 26.67 -16.90
C PRO B 202 -13.03 26.49 -18.17
N HIS B 203 -13.55 25.67 -19.08
CA HIS B 203 -12.78 25.24 -20.24
C HIS B 203 -13.68 24.64 -21.33
N SER B 204 -13.09 24.17 -22.40
CA SER B 204 -13.85 23.66 -23.58
C SER B 204 -13.47 22.23 -23.83
N VAL B 205 -14.31 21.48 -24.56
CA VAL B 205 -14.03 20.07 -24.90
C VAL B 205 -14.11 19.76 -26.42
N THR B 206 -14.12 20.83 -27.21
CA THR B 206 -14.12 20.81 -28.68
C THR B 206 -13.19 21.97 -29.11
N SER B 207 -12.68 21.88 -30.34
CA SER B 207 -11.91 22.93 -30.99
C SER B 207 -12.75 24.13 -31.41
N PRO B 208 -12.14 25.33 -31.39
CA PRO B 208 -12.80 26.45 -32.07
C PRO B 208 -12.77 26.14 -33.60
N PRO B 209 -13.73 26.70 -34.36
CA PRO B 209 -14.69 27.71 -33.99
C PRO B 209 -15.94 27.13 -33.35
N ALA B 210 -16.12 25.81 -33.39
CA ALA B 210 -17.31 25.17 -32.80
C ALA B 210 -17.51 25.52 -31.32
N ALA B 211 -16.41 25.44 -30.56
CA ALA B 211 -16.39 25.72 -29.11
C ALA B 211 -17.12 26.98 -28.71
N TYR B 212 -17.10 27.99 -29.57
CA TYR B 212 -17.79 29.24 -29.27
C TYR B 212 -19.33 29.15 -29.30
N THR B 213 -19.89 28.16 -30.02
CA THR B 213 -21.34 28.14 -30.30
C THR B 213 -22.01 26.81 -30.07
N ASP B 214 -21.22 25.75 -29.87
CA ASP B 214 -21.78 24.39 -29.84
C ASP B 214 -22.32 24.05 -28.45
N GLY B 215 -22.08 24.91 -27.45
CA GLY B 215 -22.67 24.71 -26.14
C GLY B 215 -22.09 23.62 -25.27
N THR B 216 -20.97 22.99 -25.69
CA THR B 216 -20.22 21.98 -24.84
C THR B 216 -19.14 22.61 -23.87
N GLY B 217 -18.79 23.89 -24.07
CA GLY B 217 -17.67 24.50 -23.33
C GLY B 217 -17.90 25.93 -22.90
N ALA B 218 -16.97 26.46 -22.10
CA ALA B 218 -17.15 27.79 -21.53
C ALA B 218 -16.73 28.83 -22.53
N THR B 219 -17.38 29.99 -22.45
CA THR B 219 -17.04 31.15 -23.32
C THR B 219 -16.98 32.44 -22.52
N TRP B 220 -16.56 33.50 -23.14
CA TRP B 220 -16.60 34.75 -22.45
C TRP B 220 -16.82 35.84 -23.51
N GLY B 221 -17.82 36.67 -23.27
CA GLY B 221 -18.19 37.72 -24.23
C GLY B 221 -18.83 37.27 -25.56
N MET B 222 -19.41 36.06 -25.60
CA MET B 222 -20.29 35.68 -26.74
C MET B 222 -21.69 36.30 -26.72
N GLY B 223 -22.15 36.75 -25.55
CA GLY B 223 -23.51 37.23 -25.37
C GLY B 223 -24.49 36.07 -25.21
N ASN B 224 -23.95 34.92 -24.78
CA ASN B 224 -24.68 33.68 -24.69
C ASN B 224 -24.76 33.17 -23.25
N PRO B 225 -25.88 33.45 -22.54
CA PRO B 225 -25.91 33.01 -21.13
C PRO B 225 -25.75 31.51 -20.85
N ALA B 226 -26.00 30.67 -21.84
CA ALA B 226 -25.80 29.24 -21.66
C ALA B 226 -24.32 28.92 -21.39
N THR B 227 -23.39 29.72 -21.93
CA THR B 227 -21.96 29.34 -21.97
C THR B 227 -20.94 30.39 -21.48
N ASP B 228 -21.41 31.63 -21.30
CA ASP B 228 -20.56 32.78 -21.01
C ASP B 228 -20.28 32.77 -19.52
N TRP B 229 -19.04 32.41 -19.17
CA TRP B 229 -18.59 32.36 -17.77
C TRP B 229 -18.61 33.73 -17.09
N ASN B 230 -18.25 34.79 -17.84
CA ASN B 230 -18.29 36.15 -17.32
C ASN B 230 -19.64 36.53 -16.80
N LEU B 231 -20.66 36.05 -17.52
CA LEU B 231 -22.05 36.27 -17.14
C LEU B 231 -22.42 35.35 -16.02
N ALA B 232 -21.90 34.13 -16.04
CA ALA B 232 -22.31 33.18 -15.02
C ALA B 232 -21.67 33.53 -13.69
N ALA B 233 -20.43 34.04 -13.71
CA ALA B 233 -19.73 34.47 -12.49
C ALA B 233 -20.50 35.59 -11.77
N GLU B 234 -21.03 36.56 -12.52
CA GLU B 234 -21.87 37.60 -11.89
C GLU B 234 -23.04 36.99 -11.17
N ARG B 235 -23.72 36.09 -11.86
CA ARG B 235 -24.88 35.42 -11.24
C ARG B 235 -24.55 34.58 -10.01
N ILE B 236 -23.49 33.77 -10.08
CA ILE B 236 -23.08 32.96 -8.90
C ILE B 236 -22.52 33.86 -7.78
N GLY B 237 -21.58 34.76 -8.11
CA GLY B 237 -21.04 35.73 -7.14
C GLY B 237 -22.09 36.55 -6.41
N LYS B 238 -23.11 37.00 -7.17
CA LYS B 238 -24.24 37.76 -6.56
C LYS B 238 -25.00 36.96 -5.53
N ALA B 239 -25.22 35.66 -5.77
CA ALA B 239 -25.91 34.81 -4.78
C ALA B 239 -25.11 34.58 -3.47
N ILE B 240 -23.82 34.38 -3.65
CA ILE B 240 -22.87 34.21 -2.56
C ILE B 240 -22.77 35.51 -1.77
N LEU B 241 -22.66 36.65 -2.46
CA LEU B 241 -22.52 37.91 -1.76
C LEU B 241 -23.70 38.26 -0.83
N LYS B 242 -24.92 37.86 -1.21
CA LYS B 242 -26.11 38.02 -0.34
C LYS B 242 -26.02 37.36 0.98
N VAL B 243 -25.43 36.16 1.00
CA VAL B 243 -25.28 35.39 2.23
C VAL B 243 -23.93 35.54 2.95
N ALA B 244 -22.88 35.93 2.22
CA ALA B 244 -21.53 36.15 2.79
C ALA B 244 -21.04 37.48 2.21
N PRO B 245 -21.56 38.62 2.73
CA PRO B 245 -21.16 39.90 2.12
C PRO B 245 -19.67 40.29 2.41
N HIS B 246 -19.06 39.70 3.43
CA HIS B 246 -17.72 39.95 3.82
C HIS B 246 -16.64 39.18 2.98
N TRP B 247 -17.10 38.27 2.12
CA TRP B 247 -16.24 37.36 1.28
C TRP B 247 -15.71 38.07 0.05
N LEU B 248 -14.63 37.54 -0.56
CA LEU B 248 -14.18 37.95 -1.88
C LEU B 248 -14.67 36.94 -2.81
N ILE B 249 -14.82 37.35 -4.08
CA ILE B 249 -15.23 36.44 -5.13
C ILE B 249 -14.02 36.24 -6.07
N PHE B 250 -13.50 34.99 -6.15
CA PHE B 250 -12.44 34.66 -7.13
C PHE B 250 -13.02 34.12 -8.43
N VAL B 251 -12.67 34.79 -9.56
CA VAL B 251 -13.14 34.41 -10.88
C VAL B 251 -12.01 34.04 -11.78
N GLU B 252 -12.04 32.81 -12.30
CA GLU B 252 -10.94 32.30 -13.12
C GLU B 252 -11.23 32.67 -14.56
N GLY B 253 -10.22 32.47 -15.41
CA GLY B 253 -10.39 32.61 -16.83
C GLY B 253 -11.13 31.44 -17.42
N THR B 254 -11.39 31.47 -18.72
CA THR B 254 -11.86 30.26 -19.43
C THR B 254 -10.68 29.71 -20.20
N GLN B 255 -10.89 28.83 -21.20
CA GLN B 255 -9.85 28.40 -22.10
C GLN B 255 -9.99 29.25 -23.38
N PHE B 256 -11.23 29.28 -23.93
CA PHE B 256 -11.57 30.14 -25.07
C PHE B 256 -12.58 31.16 -24.63
N THR B 257 -12.57 32.30 -25.31
CA THR B 257 -13.43 33.41 -24.91
C THR B 257 -14.49 33.68 -26.02
N ASN B 258 -14.11 34.46 -27.03
CA ASN B 258 -14.91 34.71 -28.21
C ASN B 258 -13.93 34.84 -29.38
N PRO B 259 -14.39 34.61 -30.64
CA PRO B 259 -13.40 34.52 -31.75
C PRO B 259 -12.59 35.78 -32.00
N LYS B 260 -13.18 36.93 -31.73
CA LYS B 260 -12.49 38.23 -31.95
C LYS B 260 -11.34 38.40 -30.93
N THR B 261 -11.64 38.19 -29.64
CA THR B 261 -10.58 38.22 -28.58
C THR B 261 -9.45 37.21 -28.87
N ASP B 262 -9.80 35.94 -29.02
CA ASP B 262 -8.77 34.88 -29.11
C ASP B 262 -7.96 34.95 -30.38
N SER B 263 -8.56 35.47 -31.47
CA SER B 263 -7.82 35.49 -32.76
C SER B 263 -6.91 36.73 -32.81
N SER B 264 -7.15 37.66 -31.91
CA SER B 264 -6.39 38.91 -31.85
C SER B 264 -4.99 38.81 -31.21
N TYR B 265 -4.59 37.61 -30.76
CA TYR B 265 -3.24 37.39 -30.23
C TYR B 265 -2.75 36.07 -30.75
N LYS B 266 -1.48 35.96 -31.08
CA LYS B 266 -0.99 34.76 -31.76
C LYS B 266 -1.05 33.48 -30.93
N TRP B 267 -1.06 33.63 -29.61
CA TRP B 267 -1.24 32.45 -28.72
C TRP B 267 -2.60 32.53 -28.03
N GLY B 268 -3.56 33.20 -28.67
CA GLY B 268 -4.93 33.32 -28.15
C GLY B 268 -5.67 32.01 -27.96
N TYR B 269 -5.21 30.97 -28.64
CA TYR B 269 -5.88 29.67 -28.65
C TYR B 269 -5.10 28.68 -27.75
N ASN B 270 -4.03 29.15 -27.11
CA ASN B 270 -3.15 28.30 -26.32
C ASN B 270 -3.07 28.67 -24.83
N ALA B 271 -4.18 29.19 -24.31
CA ALA B 271 -4.27 29.46 -22.90
C ALA B 271 -4.64 28.14 -22.14
N TRP B 272 -4.33 28.11 -20.85
CA TRP B 272 -4.60 26.96 -19.97
C TRP B 272 -6.10 26.96 -19.64
N TRP B 273 -6.70 25.83 -19.25
CA TRP B 273 -8.01 25.85 -18.59
C TRP B 273 -8.00 26.81 -17.46
N GLY B 274 -9.06 27.62 -17.28
CA GLY B 274 -9.12 28.68 -16.25
C GLY B 274 -8.05 29.79 -16.38
N GLY B 275 -7.43 29.89 -17.55
CA GLY B 275 -6.21 30.66 -17.73
C GLY B 275 -6.33 31.79 -18.78
N ASN B 276 -7.50 31.90 -19.43
CA ASN B 276 -7.71 32.93 -20.48
C ASN B 276 -8.49 34.11 -19.92
N LEU B 277 -7.80 35.20 -19.64
CA LEU B 277 -8.45 36.40 -19.17
C LEU B 277 -8.24 37.54 -20.22
N MET B 278 -7.97 37.15 -21.46
CA MET B 278 -7.97 38.10 -22.59
C MET B 278 -9.27 38.88 -22.81
N ALA B 279 -10.39 38.30 -22.41
CA ALA B 279 -11.67 39.01 -22.60
C ALA B 279 -12.07 39.91 -21.46
N VAL B 280 -11.29 40.01 -20.37
CA VAL B 280 -11.63 40.97 -19.34
C VAL B 280 -11.64 42.44 -19.86
N LYS B 281 -10.74 42.82 -20.75
CA LYS B 281 -10.65 44.24 -21.07
C LYS B 281 -12.01 44.71 -21.66
N ASP B 282 -12.50 43.95 -22.65
CA ASP B 282 -13.83 44.25 -23.26
C ASP B 282 -15.09 43.76 -22.53
N TYR B 283 -14.95 42.70 -21.71
CA TYR B 283 -16.07 42.09 -20.99
C TYR B 283 -15.75 41.85 -19.55
N PRO B 284 -15.60 42.95 -18.79
CA PRO B 284 -15.32 42.85 -17.37
C PRO B 284 -16.51 42.17 -16.69
N VAL B 285 -16.25 41.47 -15.59
CA VAL B 285 -17.27 40.82 -14.84
C VAL B 285 -17.97 41.88 -14.03
N ASN B 286 -19.30 41.82 -14.01
CA ASN B 286 -20.07 42.84 -13.35
C ASN B 286 -20.43 42.49 -11.93
N LEU B 287 -19.42 42.56 -11.06
CA LEU B 287 -19.46 42.33 -9.62
C LEU B 287 -18.81 43.54 -8.99
N PRO B 288 -19.21 43.89 -7.75
CA PRO B 288 -18.59 45.08 -7.15
C PRO B 288 -17.05 45.02 -7.14
N ARG B 289 -16.43 46.15 -7.47
CA ARG B 289 -14.99 46.19 -7.63
C ARG B 289 -14.28 45.83 -6.33
N ASN B 290 -14.83 46.16 -5.15
CA ASN B 290 -14.17 45.81 -3.88
C ASN B 290 -14.37 44.35 -3.46
N LYS B 291 -15.04 43.59 -4.33
CA LYS B 291 -15.29 42.16 -4.06
C LYS B 291 -14.62 41.17 -4.97
N LEU B 292 -14.13 41.65 -6.11
CA LEU B 292 -13.82 40.86 -7.24
C LEU B 292 -12.32 40.67 -7.40
N VAL B 293 -11.93 39.41 -7.53
CA VAL B 293 -10.51 39.03 -7.70
C VAL B 293 -10.48 38.15 -8.93
N TYR B 294 -9.70 38.55 -9.92
CA TYR B 294 -9.47 37.66 -11.03
C TYR B 294 -8.40 36.60 -10.76
N SER B 295 -8.62 35.39 -11.25
CA SER B 295 -7.80 34.28 -10.72
C SER B 295 -7.40 33.29 -11.82
N PRO B 296 -6.35 33.62 -12.59
CA PRO B 296 -5.89 32.67 -13.63
C PRO B 296 -5.06 31.49 -13.10
N HIS B 297 -5.07 30.42 -13.88
CA HIS B 297 -4.18 29.32 -13.74
C HIS B 297 -3.13 29.40 -14.84
N VAL B 298 -1.93 28.96 -14.52
CA VAL B 298 -0.83 28.92 -15.50
C VAL B 298 0.07 27.78 -15.18
N TYR B 299 0.51 27.04 -16.22
CA TYR B 299 1.23 25.80 -15.99
C TYR B 299 2.45 25.69 -16.89
N GLY B 300 3.31 24.72 -16.57
CA GLY B 300 4.55 24.42 -17.28
C GLY B 300 4.49 23.17 -18.20
N PRO B 301 5.66 22.75 -18.71
CA PRO B 301 5.69 21.62 -19.65
C PRO B 301 5.34 20.29 -19.07
N ASP B 302 5.30 20.19 -17.76
CA ASP B 302 4.89 18.95 -17.11
C ASP B 302 3.42 18.64 -17.23
N VAL B 303 2.61 19.66 -17.50
CA VAL B 303 1.18 19.55 -17.60
C VAL B 303 0.72 19.43 -19.09
N TYR B 304 1.30 20.25 -19.96
CA TYR B 304 0.97 20.14 -21.38
C TYR B 304 2.11 20.73 -22.17
N ASN B 305 2.49 20.06 -23.26
CA ASN B 305 3.65 20.52 -24.03
C ASN B 305 3.14 21.65 -24.97
N GLN B 306 2.88 22.83 -24.40
CA GLN B 306 2.44 23.96 -25.21
C GLN B 306 3.50 24.25 -26.31
N PRO B 307 3.03 24.71 -27.48
CA PRO B 307 3.96 25.02 -28.60
C PRO B 307 5.05 26.07 -28.21
N TYR B 308 4.69 27.01 -27.35
CA TYR B 308 5.62 28.10 -26.99
C TYR B 308 6.65 27.73 -25.98
N PHE B 309 6.62 26.47 -25.53
CA PHE B 309 7.69 25.88 -24.76
C PHE B 309 8.86 25.32 -25.61
N GLY B 310 8.73 25.28 -26.93
CA GLY B 310 9.86 24.89 -27.77
C GLY B 310 10.95 25.96 -27.78
N PRO B 311 12.19 25.57 -27.48
CA PRO B 311 13.26 26.56 -27.55
C PRO B 311 13.36 27.39 -28.85
N ALA B 312 12.73 26.92 -29.94
CA ALA B 312 12.76 27.58 -31.25
C ALA B 312 11.64 28.58 -31.38
N LYS B 313 10.73 28.59 -30.40
CA LYS B 313 9.81 29.69 -30.29
C LYS B 313 10.35 30.70 -29.31
N GLY B 314 11.55 30.42 -28.78
CA GLY B 314 12.29 31.32 -27.91
C GLY B 314 12.09 31.11 -26.42
N PHE B 315 11.74 29.87 -26.03
CA PHE B 315 11.57 29.52 -24.63
C PHE B 315 12.88 29.66 -23.83
N PRO B 316 12.85 30.19 -22.60
CA PRO B 316 11.72 30.77 -21.80
C PRO B 316 11.50 32.30 -21.96
N ASP B 317 12.34 32.94 -22.77
CA ASP B 317 12.34 34.40 -22.82
C ASP B 317 11.11 34.99 -23.43
N ASN B 318 10.42 34.16 -24.19
CA ASN B 318 9.12 34.53 -24.75
C ASN B 318 7.88 34.52 -23.77
N LEU B 319 8.08 33.94 -22.59
CA LEU B 319 6.97 33.70 -21.61
C LEU B 319 6.39 34.96 -21.00
N PRO B 320 7.24 35.97 -20.59
CA PRO B 320 6.62 37.16 -20.02
C PRO B 320 5.48 37.77 -20.80
N ASP B 321 5.63 37.85 -22.12
CA ASP B 321 4.65 38.49 -22.98
C ASP B 321 3.42 37.60 -23.14
N ILE B 322 3.61 36.30 -23.07
CA ILE B 322 2.50 35.37 -23.12
C ILE B 322 1.63 35.51 -21.82
N TRP B 323 2.30 35.45 -20.68
CA TRP B 323 1.62 35.65 -19.36
C TRP B 323 0.94 37.02 -19.33
N TYR B 324 1.68 38.05 -19.76
CA TYR B 324 1.10 39.39 -19.90
C TYR B 324 -0.18 39.37 -20.68
N HIS B 325 -0.17 38.76 -21.85
CA HIS B 325 -1.35 38.79 -22.74
C HIS B 325 -2.51 37.96 -22.22
N HIS B 326 -2.23 36.72 -21.80
CA HIS B 326 -3.30 35.85 -21.18
C HIS B 326 -3.98 36.39 -19.93
N PHE B 327 -3.22 36.99 -19.03
CA PHE B 327 -3.82 37.46 -17.77
C PHE B 327 -3.05 38.62 -17.09
N GLY B 328 -1.74 38.74 -17.28
CA GLY B 328 -0.97 39.69 -16.44
C GLY B 328 -1.44 41.14 -16.65
N TYR B 329 -1.87 41.47 -17.86
CA TYR B 329 -2.35 42.89 -18.18
C TYR B 329 -3.55 43.30 -17.31
N VAL B 330 -4.35 42.32 -16.83
CA VAL B 330 -5.53 42.62 -15.95
C VAL B 330 -5.12 43.36 -14.71
N LYS B 331 -3.96 43.01 -14.16
CA LYS B 331 -3.35 43.76 -13.05
C LYS B 331 -2.53 44.95 -13.64
N LEU B 332 -1.68 44.65 -14.64
CA LEU B 332 -0.59 45.60 -14.99
C LEU B 332 -1.07 46.81 -15.79
N GLU B 333 -2.05 46.55 -16.65
CA GLU B 333 -2.73 47.58 -17.38
C GLU B 333 -4.03 47.99 -16.66
N LEU B 334 -4.90 47.03 -16.36
CA LEU B 334 -6.25 47.36 -15.88
C LEU B 334 -6.40 47.66 -14.41
N GLY B 335 -5.40 47.41 -13.60
CA GLY B 335 -5.45 47.80 -12.18
C GLY B 335 -6.13 46.82 -11.24
N TYR B 336 -6.45 45.64 -11.71
CA TYR B 336 -7.26 44.69 -10.89
C TYR B 336 -6.41 43.72 -10.07
N SER B 337 -6.95 43.28 -8.92
CA SER B 337 -6.38 42.15 -8.20
C SER B 337 -6.41 40.93 -9.06
N VAL B 338 -5.22 40.35 -9.20
CA VAL B 338 -4.99 39.08 -9.88
C VAL B 338 -4.25 38.10 -8.88
N VAL B 339 -4.92 36.99 -8.55
CA VAL B 339 -4.35 35.95 -7.69
C VAL B 339 -4.20 34.69 -8.48
N ILE B 340 -2.96 34.29 -8.76
CA ILE B 340 -2.80 33.08 -9.56
C ILE B 340 -3.29 31.92 -8.64
N GLY B 341 -4.26 31.14 -9.10
CA GLY B 341 -4.88 30.15 -8.23
C GLY B 341 -4.29 28.76 -8.32
N GLU B 342 -3.53 28.50 -9.38
CA GLU B 342 -2.76 27.23 -9.53
C GLU B 342 -1.57 27.54 -10.45
N PHE B 343 -0.41 27.00 -10.06
CA PHE B 343 0.76 26.83 -10.95
C PHE B 343 1.65 25.80 -10.24
N GLY B 344 2.44 25.03 -11.00
CA GLY B 344 3.33 24.04 -10.41
C GLY B 344 3.83 23.09 -11.46
N GLY B 345 4.64 22.16 -11.02
CA GLY B 345 5.15 21.17 -11.92
C GLY B 345 6.21 20.43 -11.15
N LYS B 346 6.80 19.41 -11.79
CA LYS B 346 7.77 18.55 -11.12
C LYS B 346 9.14 19.13 -10.85
N TYR B 347 9.53 20.23 -11.50
CA TYR B 347 10.80 20.90 -11.19
C TYR B 347 12.00 19.91 -11.36
N GLY B 348 11.92 19.09 -12.43
CA GLY B 348 12.97 18.16 -12.84
C GLY B 348 13.01 16.83 -12.08
N HIS B 349 12.07 16.63 -11.17
CA HIS B 349 12.10 15.41 -10.37
C HIS B 349 11.17 14.45 -11.06
N GLY B 350 11.69 13.78 -12.09
CA GLY B 350 10.96 12.77 -12.77
C GLY B 350 10.09 13.35 -13.85
N GLY B 351 10.33 14.59 -14.27
CA GLY B 351 9.46 15.15 -15.29
C GLY B 351 10.37 15.79 -16.32
N ASP B 352 9.81 16.67 -17.13
CA ASP B 352 10.50 17.38 -18.21
C ASP B 352 11.50 18.35 -17.64
N PRO B 353 12.81 18.29 -18.05
CA PRO B 353 13.80 19.16 -17.41
C PRO B 353 13.54 20.60 -17.75
N ARG B 354 12.72 20.89 -18.79
CA ARG B 354 12.40 22.30 -19.01
C ARG B 354 11.53 22.93 -17.88
N ASP B 355 10.89 22.08 -17.08
CA ASP B 355 10.02 22.60 -16.00
C ASP B 355 10.74 23.45 -14.94
N VAL B 356 12.03 23.16 -14.67
CA VAL B 356 12.82 23.89 -13.68
C VAL B 356 12.96 25.29 -14.22
N ILE B 357 13.26 25.38 -15.52
CA ILE B 357 13.53 26.69 -15.98
C ILE B 357 12.20 27.48 -16.12
N TRP B 358 11.11 26.79 -16.53
CA TRP B 358 9.77 27.41 -16.54
C TRP B 358 9.36 28.00 -15.15
N GLN B 359 9.45 27.19 -14.08
CA GLN B 359 9.13 27.69 -12.74
C GLN B 359 10.05 28.83 -12.25
N ASN B 360 11.36 28.74 -12.59
CA ASN B 360 12.31 29.84 -12.36
C ASN B 360 11.88 31.13 -13.01
N LYS B 361 11.44 31.06 -14.25
CA LYS B 361 11.12 32.25 -14.99
C LYS B 361 9.76 32.82 -14.55
N LEU B 362 8.82 31.92 -14.20
CA LEU B 362 7.50 32.40 -13.76
C LEU B 362 7.71 33.14 -12.42
N VAL B 363 8.39 32.52 -11.47
CA VAL B 363 8.63 33.19 -10.19
C VAL B 363 9.38 34.53 -10.37
N ASP B 364 10.39 34.56 -11.24
CA ASP B 364 11.16 35.83 -11.55
C ASP B 364 10.14 36.90 -11.91
N TRP B 365 9.21 36.53 -12.80
CA TRP B 365 8.29 37.47 -13.49
C TRP B 365 7.21 37.89 -12.48
N MET B 366 6.77 36.96 -11.64
CA MET B 366 5.80 37.30 -10.58
C MET B 366 6.43 38.25 -9.59
N ILE B 367 7.69 37.98 -9.20
CA ILE B 367 8.34 38.92 -8.26
C ILE B 367 8.52 40.33 -8.91
N GLU B 368 9.03 40.39 -10.13
CA GLU B 368 9.27 41.67 -10.83
C GLU B 368 8.06 42.51 -11.00
N ASN B 369 6.94 41.83 -11.18
CA ASN B 369 5.70 42.50 -11.55
C ASN B 369 4.76 42.56 -10.39
N LYS B 370 5.26 42.27 -9.22
CA LYS B 370 4.47 42.30 -7.98
C LYS B 370 3.17 41.42 -8.06
N PHE B 371 3.28 40.19 -8.58
CA PHE B 371 2.19 39.22 -8.41
C PHE B 371 2.50 38.48 -7.12
N CYS B 372 2.13 39.08 -5.99
CA CYS B 372 2.46 38.62 -4.64
C CYS B 372 1.54 37.57 -4.03
N ASP B 373 0.36 37.37 -4.63
CA ASP B 373 -0.68 36.48 -4.11
C ASP B 373 -0.78 35.29 -5.02
N PHE B 374 -0.77 34.06 -4.46
CA PHE B 374 -0.72 32.85 -5.33
C PHE B 374 -1.10 31.61 -4.52
N PHE B 375 -1.52 30.56 -5.19
CA PHE B 375 -1.71 29.24 -4.57
C PHE B 375 -1.00 28.25 -5.46
N TYR B 376 0.05 27.63 -4.95
CA TYR B 376 0.86 26.64 -5.68
C TYR B 376 0.10 25.31 -5.81
N TRP B 377 0.23 24.63 -6.96
CA TRP B 377 -0.29 23.27 -7.11
C TRP B 377 0.83 22.26 -7.13
N SER B 378 0.96 21.44 -6.07
CA SER B 378 0.01 21.40 -4.89
C SER B 378 0.88 21.23 -3.61
N TRP B 379 0.33 21.43 -2.43
CA TRP B 379 0.92 20.84 -1.22
C TRP B 379 1.19 19.29 -1.37
N ASN B 380 0.14 18.56 -1.78
CA ASN B 380 0.17 17.10 -2.02
C ASN B 380 1.29 16.70 -2.97
N PRO B 381 2.00 15.58 -2.64
CA PRO B 381 2.88 15.00 -3.65
C PRO B 381 2.12 14.21 -4.73
N ASP B 382 0.91 13.75 -4.40
CA ASP B 382 0.15 12.81 -5.25
C ASP B 382 -0.63 13.51 -6.39
N SER B 383 0.08 14.35 -7.14
CA SER B 383 -0.49 14.99 -8.31
C SER B 383 0.30 14.40 -9.46
N GLY B 384 -0.38 13.66 -10.33
CA GLY B 384 0.33 12.88 -11.33
C GLY B 384 1.24 13.61 -12.32
N ASP B 385 0.81 14.79 -12.72
CA ASP B 385 1.58 15.59 -13.71
C ASP B 385 2.41 16.73 -13.12
N THR B 386 2.29 16.96 -11.79
CA THR B 386 3.04 18.07 -11.13
C THR B 386 3.86 17.73 -9.96
N GLY B 387 3.59 16.59 -9.29
CA GLY B 387 4.10 16.37 -7.94
C GLY B 387 3.70 17.56 -7.09
N GLY B 388 4.48 17.85 -6.07
CA GLY B 388 3.98 18.83 -5.13
C GLY B 388 5.11 19.40 -4.34
N ILE B 389 4.82 20.17 -3.31
CA ILE B 389 5.85 20.62 -2.39
C ILE B 389 6.49 19.52 -1.54
N LEU B 390 5.63 18.72 -0.89
CA LEU B 390 5.99 17.41 -0.31
C LEU B 390 6.47 16.42 -1.35
N GLN B 391 7.55 15.73 -0.99
CA GLN B 391 7.92 14.46 -1.63
C GLN B 391 6.98 13.32 -1.42
N ASP B 392 7.27 12.21 -2.10
CA ASP B 392 6.33 11.08 -2.10
C ASP B 392 6.09 10.41 -0.72
N ASP B 393 7.03 10.60 0.20
CA ASP B 393 6.83 10.21 1.63
C ASP B 393 5.76 11.03 2.38
N TRP B 394 5.13 12.02 1.72
CA TRP B 394 4.25 12.92 2.49
C TRP B 394 4.84 13.67 3.70
N THR B 395 6.16 13.83 3.76
CA THR B 395 6.82 14.28 4.99
C THR B 395 7.93 15.31 4.73
N THR B 396 8.83 14.96 3.81
CA THR B 396 10.01 15.72 3.38
C THR B 396 9.61 16.62 2.17
N ILE B 397 10.22 17.79 2.05
CA ILE B 397 9.95 18.65 0.91
C ILE B 397 11.00 18.54 -0.18
N TRP B 398 10.61 18.84 -1.40
CA TRP B 398 11.64 19.07 -2.45
C TRP B 398 12.29 20.43 -2.16
N GLU B 399 13.54 20.44 -1.63
CA GLU B 399 14.24 21.68 -1.27
C GLU B 399 14.46 22.64 -2.45
N ASP B 400 14.87 22.16 -3.62
CA ASP B 400 15.11 23.13 -4.73
C ASP B 400 13.84 23.80 -5.26
N LYS B 401 12.80 23.00 -5.42
CA LYS B 401 11.48 23.51 -5.84
C LYS B 401 10.97 24.58 -4.84
N TYR B 402 11.00 24.20 -3.56
CA TYR B 402 10.57 25.08 -2.49
C TYR B 402 11.44 26.35 -2.40
N ASN B 403 12.77 26.25 -2.58
CA ASN B 403 13.61 27.42 -2.49
C ASN B 403 13.36 28.39 -3.65
N ASN B 404 13.02 27.84 -4.81
CA ASN B 404 12.61 28.72 -5.91
C ASN B 404 11.33 29.53 -5.56
N LEU B 405 10.30 28.84 -5.09
CA LEU B 405 9.02 29.43 -4.67
C LEU B 405 9.18 30.41 -3.48
N LYS B 406 10.05 30.12 -2.52
CA LYS B 406 10.13 30.99 -1.33
C LYS B 406 10.68 32.39 -1.57
N ARG B 407 11.22 32.62 -2.77
CA ARG B 407 11.60 33.94 -3.25
C ARG B 407 10.41 34.90 -3.23
N LEU B 408 9.22 34.38 -3.49
CA LEU B 408 7.97 35.17 -3.44
C LEU B 408 7.56 35.51 -2.01
N MET B 409 8.14 34.82 -1.05
CA MET B 409 7.60 34.85 0.27
C MET B 409 8.53 35.69 1.12
N ASP B 410 9.34 36.52 0.47
CA ASP B 410 10.38 37.28 1.18
C ASP B 410 9.99 38.75 1.27
N GLN C 34 5.59 -34.90 12.92
CA GLN C 34 6.78 -34.19 13.45
C GLN C 34 6.51 -32.68 13.60
N THR C 35 5.24 -32.27 13.45
CA THR C 35 4.81 -30.87 13.61
C THR C 35 3.31 -30.69 13.86
N PRO C 36 2.97 -29.89 14.91
CA PRO C 36 1.57 -29.62 15.16
C PRO C 36 0.93 -28.67 14.15
N THR C 37 1.69 -28.14 13.17
CA THR C 37 1.18 -27.10 12.21
C THR C 37 1.11 -27.52 10.74
N GLY C 38 2.02 -28.42 10.37
CA GLY C 38 2.13 -28.83 9.00
C GLY C 38 3.48 -28.40 8.50
N ILE C 39 4.04 -27.35 9.10
CA ILE C 39 5.33 -26.78 8.67
C ILE C 39 6.45 -27.28 9.57
N TYR C 40 7.63 -27.50 9.00
CA TYR C 40 8.74 -28.07 9.74
C TYR C 40 9.98 -27.35 9.31
N TYR C 41 10.58 -26.60 10.23
CA TYR C 41 11.75 -25.78 9.91
C TYR C 41 12.99 -26.61 10.16
N GLU C 42 14.03 -26.44 9.34
CA GLU C 42 15.29 -27.14 9.56
C GLU C 42 16.42 -26.47 8.80
N VAL C 43 17.64 -26.80 9.23
CA VAL C 43 18.92 -26.40 8.61
C VAL C 43 19.48 -27.54 7.74
N ARG C 44 19.84 -27.22 6.50
CA ARG C 44 20.63 -28.11 5.64
C ARG C 44 21.85 -27.36 5.21
N GLY C 45 23.01 -27.81 5.65
CA GLY C 45 24.24 -27.07 5.37
C GLY C 45 24.19 -25.83 6.26
N ASP C 46 24.40 -24.68 5.66
CA ASP C 46 24.22 -23.46 6.42
C ASP C 46 22.89 -22.74 6.17
N THR C 47 21.98 -23.31 5.36
CA THR C 47 20.72 -22.62 5.09
C THR C 47 19.50 -23.21 5.80
N ILE C 48 18.61 -22.31 6.20
CA ILE C 48 17.36 -22.63 6.84
C ILE C 48 16.30 -22.86 5.78
N TYR C 49 15.52 -23.91 6.02
CA TYR C 49 14.47 -24.34 5.11
C TYR C 49 13.20 -24.42 5.86
N MET C 50 12.13 -24.11 5.14
CA MET C 50 10.78 -24.29 5.62
C MET C 50 10.13 -25.45 4.80
N ILE C 51 9.76 -26.53 5.49
CA ILE C 51 9.15 -27.72 4.85
C ILE C 51 7.67 -27.87 5.13
N ASN C 52 6.81 -27.87 4.10
CA ASN C 52 5.46 -28.40 4.32
C ASN C 52 5.51 -29.93 4.35
N VAL C 53 5.16 -30.54 5.48
CA VAL C 53 5.37 -31.96 5.64
C VAL C 53 4.24 -32.77 5.02
N THR C 54 3.09 -32.12 4.79
CA THR C 54 1.93 -32.75 4.15
C THR C 54 2.08 -32.66 2.63
N SER C 55 2.47 -31.49 2.13
CA SER C 55 2.57 -31.28 0.68
C SER C 55 3.98 -31.53 0.08
N GLY C 56 5.00 -31.64 0.94
CA GLY C 56 6.39 -31.86 0.47
C GLY C 56 7.08 -30.72 -0.26
N GLU C 57 6.52 -29.52 -0.30
CA GLU C 57 7.31 -28.41 -0.83
C GLU C 57 8.29 -28.04 0.26
N GLU C 58 9.47 -27.59 -0.15
CA GLU C 58 10.44 -27.17 0.80
C GLU C 58 11.10 -25.93 0.25
N THR C 59 11.16 -24.89 1.07
CA THR C 59 11.57 -23.59 0.58
C THR C 59 12.77 -23.16 1.38
N PRO C 60 13.88 -22.80 0.71
CA PRO C 60 14.93 -22.11 1.45
C PRO C 60 14.42 -20.71 1.82
N ILE C 61 14.58 -20.34 3.09
CA ILE C 61 14.11 -19.05 3.59
C ILE C 61 15.25 -18.17 4.05
N HIS C 62 15.07 -16.86 3.95
CA HIS C 62 16.08 -15.91 4.46
C HIS C 62 15.42 -15.13 5.60
N LEU C 63 16.23 -14.59 6.51
CA LEU C 63 15.66 -13.92 7.66
C LEU C 63 16.18 -12.51 7.67
N PHE C 64 15.35 -11.59 7.14
CA PHE C 64 15.64 -10.17 7.12
C PHE C 64 14.81 -9.67 8.31
N GLY C 65 15.49 -9.50 9.44
CA GLY C 65 14.78 -9.45 10.71
C GLY C 65 15.04 -8.22 11.52
N VAL C 66 14.08 -7.91 12.40
CA VAL C 66 14.26 -6.82 13.37
C VAL C 66 13.86 -7.37 14.72
N ASN C 67 14.52 -6.87 15.77
CA ASN C 67 14.01 -7.00 17.17
C ASN C 67 12.97 -5.98 17.59
N TRP C 68 11.81 -6.44 18.02
CA TRP C 68 10.79 -5.55 18.56
C TRP C 68 10.60 -5.92 20.05
N PHE C 69 11.26 -5.13 20.92
CA PHE C 69 11.34 -5.43 22.35
C PHE C 69 10.28 -4.73 23.19
N GLY C 70 10.12 -5.18 24.44
CA GLY C 70 9.01 -4.73 25.30
C GLY C 70 8.50 -5.85 26.23
N PHE C 71 8.33 -7.09 25.71
CA PHE C 71 7.62 -8.13 26.46
C PHE C 71 8.54 -8.63 27.59
N GLU C 72 9.83 -8.32 27.49
CA GLU C 72 10.89 -8.66 28.49
C GLU C 72 11.14 -7.53 29.54
N THR C 73 10.43 -6.42 29.43
CA THR C 73 10.54 -5.34 30.35
C THR C 73 9.26 -5.21 31.22
N PRO C 74 9.26 -4.29 32.21
CA PRO C 74 8.08 -4.20 33.03
C PRO C 74 6.87 -3.70 32.26
N ASN C 75 7.06 -3.34 30.99
CA ASN C 75 5.83 -3.07 30.21
C ASN C 75 5.03 -4.33 29.91
N HIS C 76 5.76 -5.45 29.79
CA HIS C 76 5.16 -6.76 29.41
C HIS C 76 4.34 -6.62 28.12
N VAL C 77 4.82 -5.75 27.22
CA VAL C 77 4.26 -5.58 25.89
C VAL C 77 5.30 -4.91 25.03
N VAL C 78 5.42 -5.35 23.77
CA VAL C 78 6.25 -4.60 22.79
C VAL C 78 6.10 -3.08 23.01
N HIS C 79 7.20 -2.36 22.97
CA HIS C 79 7.08 -0.90 23.16
C HIS C 79 6.59 -0.20 21.91
N GLY C 80 6.02 1.01 22.10
CA GLY C 80 5.71 1.94 21.00
C GLY C 80 4.23 2.09 20.84
N LEU C 81 3.48 1.31 21.63
CA LEU C 81 2.04 1.31 21.48
C LEU C 81 1.35 2.42 22.18
N TRP C 82 2.10 3.23 22.90
CA TRP C 82 1.59 4.54 23.40
C TRP C 82 1.61 5.59 22.30
N LYS C 83 2.32 5.27 21.20
CA LYS C 83 2.47 6.18 19.99
C LYS C 83 1.90 5.57 18.67
N ARG C 84 1.95 4.23 18.56
CA ARG C 84 1.54 3.52 17.32
C ARG C 84 0.51 2.43 17.49
N ASN C 85 -0.13 2.09 16.37
CA ASN C 85 -0.97 0.92 16.28
C ASN C 85 -0.07 -0.24 15.92
N TRP C 86 -0.29 -1.35 16.62
CA TRP C 86 0.58 -2.53 16.54
C TRP C 86 0.51 -3.26 15.14
N GLU C 87 -0.67 -3.32 14.53
CA GLU C 87 -0.75 -3.85 13.15
C GLU C 87 -0.05 -2.91 12.15
N ASP C 88 -0.31 -1.60 12.26
CA ASP C 88 0.36 -0.63 11.42
C ASP C 88 1.84 -0.77 11.58
N MET C 89 2.27 -1.07 12.80
CA MET C 89 3.66 -1.34 13.02
C MET C 89 4.20 -2.54 12.17
N LEU C 90 3.46 -3.64 12.16
CA LEU C 90 3.86 -4.86 11.45
C LEU C 90 3.84 -4.60 9.95
N LEU C 91 2.86 -3.83 9.49
CA LEU C 91 2.70 -3.47 8.07
C LEU C 91 3.88 -2.60 7.65
N GLN C 92 4.38 -1.75 8.56
CA GLN C 92 5.53 -0.91 8.21
C GLN C 92 6.81 -1.72 8.15
N ILE C 93 6.96 -2.64 9.09
CA ILE C 93 8.12 -3.52 9.03
C ILE C 93 8.21 -4.33 7.71
N LYS C 94 7.08 -4.93 7.29
CA LYS C 94 7.03 -5.70 6.03
C LYS C 94 7.37 -4.81 4.82
N SER C 95 6.77 -3.61 4.85
CA SER C 95 6.87 -2.62 3.80
C SER C 95 8.29 -2.21 3.57
N LEU C 96 9.16 -2.38 4.61
CA LEU C 96 10.54 -2.08 4.51
C LEU C 96 11.41 -3.24 4.00
N GLY C 97 10.81 -4.33 3.59
CA GLY C 97 11.64 -5.44 3.10
C GLY C 97 12.10 -6.45 4.15
N PHE C 98 11.65 -6.30 5.41
CA PHE C 98 11.88 -7.28 6.47
C PHE C 98 10.81 -8.36 6.46
N ASN C 99 11.22 -9.59 6.76
CA ASN C 99 10.23 -10.70 6.83
C ASN C 99 10.30 -11.51 8.14
N ALA C 100 10.95 -10.95 9.17
CA ALA C 100 11.26 -11.71 10.40
C ALA C 100 11.30 -10.76 11.60
N ILE C 101 10.80 -11.22 12.74
CA ILE C 101 10.89 -10.48 14.02
C ILE C 101 11.39 -11.44 15.14
N ARG C 102 12.34 -10.94 15.93
CA ARG C 102 12.78 -11.54 17.18
C ARG C 102 11.98 -10.84 18.27
N LEU C 103 11.32 -11.64 19.11
CA LEU C 103 10.39 -11.18 20.12
C LEU C 103 10.98 -11.52 21.52
N PRO C 104 11.73 -10.57 22.13
CA PRO C 104 12.12 -10.72 23.54
C PRO C 104 10.97 -10.90 24.50
N PHE C 105 11.14 -11.84 25.43
CA PHE C 105 10.23 -12.04 26.55
C PHE C 105 10.95 -12.27 27.90
N CYS C 106 10.21 -12.01 28.99
CA CYS C 106 10.60 -12.33 30.35
C CYS C 106 9.53 -13.29 30.82
N THR C 107 9.84 -13.99 31.91
CA THR C 107 8.99 -15.03 32.45
C THR C 107 7.58 -14.50 32.75
N GLU C 108 7.52 -13.36 33.44
CA GLU C 108 6.21 -12.88 33.81
C GLU C 108 5.22 -12.68 32.64
N SER C 109 5.72 -12.28 31.48
CA SER C 109 4.90 -11.91 30.31
C SER C 109 4.28 -13.11 29.59
N VAL C 110 4.94 -14.26 29.70
CA VAL C 110 4.42 -15.52 29.16
C VAL C 110 3.63 -16.41 30.18
N LYS C 111 3.40 -15.92 31.41
CA LYS C 111 2.38 -16.50 32.33
C LYS C 111 1.07 -15.80 32.10
N PRO C 112 -0.05 -16.53 32.21
CA PRO C 112 -1.35 -15.86 32.14
C PRO C 112 -1.62 -14.84 33.28
N GLY C 113 -2.51 -13.87 33.03
CA GLY C 113 -2.88 -12.86 34.00
C GLY C 113 -1.94 -11.68 34.19
N THR C 114 -0.87 -11.55 33.39
CA THR C 114 0.02 -10.38 33.52
C THR C 114 -0.50 -9.13 32.75
N GLN C 115 -0.62 -8.02 33.47
CA GLN C 115 -1.19 -6.79 32.89
C GLN C 115 -0.12 -6.11 32.02
N PRO C 116 -0.41 -5.95 30.71
CA PRO C 116 0.55 -5.23 29.88
C PRO C 116 0.40 -3.73 30.24
N ILE C 117 1.49 -3.00 30.31
CA ILE C 117 1.39 -1.55 30.56
C ILE C 117 2.03 -0.71 29.42
N GLY C 118 1.32 0.28 28.90
CA GLY C 118 1.95 1.11 27.87
C GLY C 118 1.33 1.05 26.51
N ILE C 119 0.01 1.16 26.48
CA ILE C 119 -0.77 1.11 25.26
C ILE C 119 -1.76 2.24 25.26
N ASP C 120 -1.74 3.04 24.19
CA ASP C 120 -2.82 3.99 23.92
C ASP C 120 -3.93 3.18 23.31
N TYR C 121 -5.07 3.01 24.00
CA TYR C 121 -6.12 2.13 23.54
C TYR C 121 -7.03 2.82 22.56
N SER C 122 -6.85 4.13 22.41
CA SER C 122 -7.52 4.87 21.32
C SER C 122 -6.96 4.32 19.99
N LYS C 123 -5.63 4.18 19.93
CA LYS C 123 -4.93 3.70 18.74
C LYS C 123 -4.99 2.17 18.62
N ASN C 124 -5.24 1.52 19.75
CA ASN C 124 -5.14 0.05 19.88
C ASN C 124 -6.35 -0.49 20.68
N PRO C 125 -7.58 -0.16 20.24
CA PRO C 125 -8.75 -0.59 21.01
C PRO C 125 -8.93 -2.09 21.16
N ASP C 126 -8.35 -2.86 20.25
CA ASP C 126 -8.57 -4.31 20.24
C ASP C 126 -7.62 -4.96 21.22
N LEU C 127 -6.88 -4.12 21.94
CA LEU C 127 -5.99 -4.64 22.98
C LEU C 127 -6.53 -4.41 24.40
N ARG C 128 -7.66 -3.72 24.50
CA ARG C 128 -8.34 -3.39 25.77
C ARG C 128 -8.81 -4.64 26.50
N GLY C 129 -8.22 -4.85 27.68
CA GLY C 129 -8.65 -5.95 28.57
C GLY C 129 -7.84 -7.22 28.37
N LEU C 130 -6.96 -7.21 27.38
CA LEU C 130 -6.09 -8.35 27.12
C LEU C 130 -4.93 -8.41 28.11
N ASP C 131 -4.59 -9.61 28.57
CA ASP C 131 -3.31 -9.83 29.26
C ASP C 131 -2.17 -9.93 28.26
N SER C 132 -0.95 -9.94 28.73
CA SER C 132 0.21 -9.92 27.88
C SER C 132 0.33 -11.12 26.99
N LEU C 133 -0.05 -12.28 27.50
CA LEU C 133 0.12 -13.50 26.72
C LEU C 133 -0.89 -13.45 25.58
N GLN C 134 -2.07 -12.90 25.83
CA GLN C 134 -3.07 -12.77 24.80
C GLN C 134 -2.58 -11.81 23.71
N ILE C 135 -1.89 -10.74 24.11
CA ILE C 135 -1.32 -9.77 23.14
C ILE C 135 -0.19 -10.42 22.35
N MET C 136 0.60 -11.25 22.97
CA MET C 136 1.64 -11.92 22.23
C MET C 136 1.10 -12.86 21.13
N GLU C 137 0.16 -13.71 21.50
CA GLU C 137 -0.63 -14.52 20.58
C GLU C 137 -1.21 -13.67 19.43
N LYS C 138 -1.80 -12.52 19.74
CA LYS C 138 -2.51 -11.71 18.74
C LYS C 138 -1.52 -11.23 17.67
N ILE C 139 -0.31 -10.82 18.14
CA ILE C 139 0.78 -10.24 17.34
C ILE C 139 1.41 -11.31 16.49
N ILE C 140 1.76 -12.46 17.09
CA ILE C 140 2.39 -13.54 16.35
C ILE C 140 1.49 -14.12 15.23
N LYS C 141 0.20 -14.21 15.46
CA LYS C 141 -0.75 -14.74 14.48
C LYS C 141 -0.95 -13.75 13.28
N LYS C 142 -1.19 -12.46 13.60
CA LYS C 142 -1.07 -11.34 12.65
C LYS C 142 0.27 -11.34 11.87
N ALA C 143 1.41 -11.44 12.55
CA ALA C 143 2.65 -11.51 11.83
C ALA C 143 2.57 -12.59 10.75
N GLY C 144 2.06 -13.77 11.14
CA GLY C 144 2.02 -14.94 10.23
C GLY C 144 1.18 -14.63 9.01
N ASP C 145 0.02 -14.06 9.23
CA ASP C 145 -0.83 -13.57 8.18
C ASP C 145 -0.05 -12.72 7.18
N LEU C 146 0.77 -11.84 7.73
CA LEU C 146 1.51 -10.83 6.95
C LEU C 146 2.77 -11.39 6.39
N GLY C 147 3.01 -12.67 6.59
CA GLY C 147 4.24 -13.29 6.10
C GLY C 147 5.49 -12.99 6.93
N ILE C 148 5.34 -12.76 8.24
CA ILE C 148 6.59 -12.42 9.05
C ILE C 148 6.96 -13.61 9.96
N PHE C 149 8.15 -14.15 9.84
CA PHE C 149 8.54 -15.25 10.74
C PHE C 149 8.71 -14.66 12.18
N VAL C 150 8.48 -15.42 13.23
CA VAL C 150 8.81 -14.95 14.60
C VAL C 150 9.79 -15.86 15.35
N LEU C 151 10.91 -15.29 15.83
CA LEU C 151 11.86 -16.00 16.66
C LEU C 151 11.53 -15.61 18.15
N LEU C 152 11.26 -16.59 19.05
CA LEU C 152 10.92 -16.24 20.45
C LEU C 152 12.21 -16.22 21.24
N ASP C 153 12.41 -15.21 22.07
CA ASP C 153 13.72 -15.06 22.72
C ASP C 153 13.50 -14.80 24.21
N TYR C 154 14.02 -15.71 25.03
CA TYR C 154 13.82 -15.65 26.48
C TYR C 154 14.91 -14.71 26.87
N HIS C 155 14.54 -13.44 27.04
CA HIS C 155 15.52 -12.38 27.10
C HIS C 155 16.07 -12.13 28.52
N ARG C 156 15.19 -12.31 29.50
CA ARG C 156 15.43 -12.00 30.93
C ARG C 156 14.49 -12.88 31.76
N ILE C 157 14.94 -13.29 32.96
CA ILE C 157 14.13 -14.08 33.89
C ILE C 157 13.18 -13.15 34.66
N GLY C 158 13.75 -12.16 35.36
CA GLY C 158 12.96 -11.03 35.85
C GLY C 158 12.68 -10.13 34.65
N CYS C 159 12.04 -8.99 34.87
CA CYS C 159 11.71 -8.10 33.75
C CYS C 159 12.46 -6.77 33.80
N THR C 160 13.65 -6.77 34.38
CA THR C 160 14.42 -5.53 34.55
C THR C 160 15.82 -5.57 33.90
N HIS C 161 16.43 -6.73 33.80
CA HIS C 161 17.78 -6.79 33.28
C HIS C 161 18.17 -8.21 32.89
N ILE C 162 19.22 -8.31 32.11
CA ILE C 162 19.63 -9.60 31.56
C ILE C 162 20.56 -10.24 32.55
N GLU C 163 20.13 -11.34 33.13
CA GLU C 163 20.96 -12.19 34.00
C GLU C 163 22.04 -12.86 33.14
N PRO C 164 23.29 -13.03 33.69
CA PRO C 164 24.35 -13.82 33.05
C PRO C 164 24.11 -15.30 32.82
N LEU C 165 23.23 -15.92 33.61
CA LEU C 165 22.93 -17.37 33.49
C LEU C 165 21.45 -17.60 33.31
N TRP C 166 21.11 -18.86 33.04
CA TRP C 166 19.74 -19.30 32.81
C TRP C 166 19.03 -19.67 34.12
N TYR C 167 19.55 -19.15 35.23
CA TYR C 167 18.90 -19.28 36.53
C TYR C 167 19.41 -18.20 37.51
N THR C 168 18.64 -17.97 38.55
CA THR C 168 19.00 -17.03 39.61
C THR C 168 18.81 -17.77 40.95
N GLU C 169 19.25 -17.13 42.04
CA GLU C 169 18.98 -17.62 43.38
C GLU C 169 17.51 -18.05 43.56
N ASP C 170 16.57 -17.28 43.00
CA ASP C 170 15.12 -17.48 43.16
C ASP C 170 14.42 -18.35 42.08
N PHE C 171 15.19 -18.79 41.08
CA PHE C 171 14.62 -19.30 39.82
C PHE C 171 15.62 -20.29 39.22
N SER C 172 15.31 -21.57 39.41
CA SER C 172 16.14 -22.69 39.00
C SER C 172 16.12 -22.92 37.51
N GLU C 173 17.13 -23.64 37.04
CA GLU C 173 17.07 -24.23 35.72
C GLU C 173 15.79 -24.99 35.41
N GLU C 174 15.28 -25.80 36.34
CA GLU C 174 13.97 -26.43 36.11
C GLU C 174 12.81 -25.42 35.85
N ASP C 175 12.82 -24.28 36.54
CA ASP C 175 11.82 -23.21 36.31
C ASP C 175 11.96 -22.64 34.88
N PHE C 176 13.21 -22.50 34.46
CA PHE C 176 13.56 -22.04 33.12
C PHE C 176 12.94 -22.97 32.06
N ILE C 177 13.21 -24.27 32.19
CA ILE C 177 12.74 -25.26 31.22
C ILE C 177 11.23 -25.38 31.28
N ASN C 178 10.67 -25.50 32.48
CA ASN C 178 9.21 -25.51 32.59
C ASN C 178 8.58 -24.25 31.92
N THR C 179 9.27 -23.12 31.99
CA THR C 179 8.80 -21.93 31.31
C THR C 179 8.83 -22.14 29.79
N TRP C 180 9.98 -22.55 29.24
CA TRP C 180 10.11 -22.79 27.80
C TRP C 180 9.10 -23.82 27.27
N ILE C 181 8.85 -24.85 28.09
CA ILE C 181 7.88 -25.88 27.70
C ILE C 181 6.49 -25.36 27.65
N GLU C 182 6.08 -24.48 28.55
CA GLU C 182 4.74 -23.94 28.40
C GLU C 182 4.69 -23.05 27.16
N VAL C 183 5.79 -22.33 26.92
CA VAL C 183 5.92 -21.47 25.75
C VAL C 183 5.85 -22.28 24.47
N ALA C 184 6.59 -23.39 24.40
CA ALA C 184 6.59 -24.22 23.18
C ALA C 184 5.25 -24.91 22.91
N LYS C 185 4.60 -25.42 23.94
CA LYS C 185 3.31 -26.08 23.73
C LYS C 185 2.33 -25.10 23.12
N ARG C 186 2.33 -23.86 23.65
CA ARG C 186 1.38 -22.83 23.25
C ARG C 186 1.74 -22.23 21.86
N PHE C 187 2.97 -21.75 21.70
CA PHE C 187 3.37 -21.03 20.48
C PHE C 187 3.82 -21.95 19.35
N GLY C 188 4.15 -23.21 19.69
CA GLY C 188 4.49 -24.24 18.69
C GLY C 188 3.40 -24.44 17.67
N LYS C 189 2.18 -24.07 18.06
CA LYS C 189 0.92 -24.15 17.27
C LYS C 189 0.75 -23.04 16.21
N TYR C 190 1.67 -22.07 16.20
CA TYR C 190 1.59 -20.89 15.31
C TYR C 190 2.62 -21.17 14.26
N TRP C 191 2.17 -21.34 13.00
CA TRP C 191 2.98 -21.87 11.90
C TRP C 191 4.23 -21.07 11.65
N ASN C 192 4.11 -19.75 11.79
CA ASN C 192 5.23 -18.80 11.54
C ASN C 192 6.29 -18.70 12.62
N VAL C 193 6.06 -19.31 13.80
CA VAL C 193 7.12 -19.24 14.82
C VAL C 193 8.14 -20.22 14.37
N ILE C 194 9.32 -19.72 14.05
CA ILE C 194 10.37 -20.58 13.54
C ILE C 194 11.17 -21.28 14.65
N GLY C 195 11.03 -20.80 15.89
CA GLY C 195 11.70 -21.45 17.03
C GLY C 195 12.14 -20.63 18.24
N ALA C 196 13.13 -21.15 18.96
CA ALA C 196 13.48 -20.66 20.31
C ALA C 196 14.89 -20.18 20.39
N ASP C 197 15.03 -18.92 20.76
CA ASP C 197 16.33 -18.38 21.09
C ASP C 197 16.47 -18.57 22.60
N LEU C 198 17.31 -19.52 22.98
CA LEU C 198 17.22 -20.23 24.27
C LEU C 198 17.38 -19.32 25.47
N LYS C 199 18.42 -18.49 25.45
CA LYS C 199 18.59 -17.53 26.54
C LYS C 199 19.37 -16.37 25.97
N ASN C 200 18.85 -15.16 26.15
CA ASN C 200 19.52 -14.01 25.55
C ASN C 200 20.79 -13.69 26.29
N ALA C 201 21.86 -13.54 25.50
CA ALA C 201 23.14 -12.98 25.88
C ALA C 201 23.72 -13.54 27.18
N PRO C 202 24.05 -14.88 27.18
CA PRO C 202 24.86 -15.43 28.29
C PRO C 202 26.14 -14.60 28.39
N HIS C 203 26.58 -14.31 29.62
CA HIS C 203 27.71 -13.38 29.81
C HIS C 203 28.24 -13.43 31.23
N SER C 204 29.23 -12.58 31.53
CA SER C 204 29.86 -12.52 32.86
C SER C 204 29.69 -11.15 33.49
N VAL C 205 29.68 -11.15 34.84
CA VAL C 205 29.78 -9.88 35.60
C VAL C 205 31.16 -9.60 36.26
N THR C 206 32.14 -10.50 36.07
CA THR C 206 33.52 -10.32 36.55
C THR C 206 34.50 -10.65 35.41
N SER C 207 35.77 -10.24 35.52
CA SER C 207 36.79 -10.55 34.50
C SER C 207 37.38 -11.95 34.69
N PRO C 208 38.12 -12.44 33.67
CA PRO C 208 38.85 -13.70 33.78
C PRO C 208 40.22 -13.60 34.47
N PRO C 209 40.70 -14.72 35.07
CA PRO C 209 40.11 -16.08 35.14
C PRO C 209 39.01 -16.34 36.19
N ALA C 210 38.78 -15.35 37.05
CA ALA C 210 37.72 -15.42 38.05
C ALA C 210 36.34 -15.76 37.44
N ALA C 211 36.03 -15.17 36.28
CA ALA C 211 34.79 -15.46 35.50
C ALA C 211 34.56 -16.95 35.18
N TYR C 212 35.65 -17.67 34.91
CA TYR C 212 35.59 -19.05 34.47
C TYR C 212 35.11 -19.99 35.55
N THR C 213 35.46 -19.68 36.80
CA THR C 213 35.06 -20.55 37.92
C THR C 213 34.27 -19.82 39.04
N ASP C 214 34.05 -18.50 38.93
CA ASP C 214 33.29 -17.80 40.00
C ASP C 214 31.79 -18.11 40.07
N GLY C 215 31.25 -18.68 38.99
CA GLY C 215 29.87 -19.19 39.00
C GLY C 215 28.82 -18.09 39.08
N THR C 216 29.25 -16.86 38.80
CA THR C 216 28.36 -15.71 38.65
C THR C 216 28.06 -15.52 37.15
N GLY C 217 28.88 -16.17 36.31
CA GLY C 217 28.88 -15.93 34.87
C GLY C 217 28.84 -17.21 34.05
N ALA C 218 28.35 -17.11 32.81
CA ALA C 218 28.33 -18.28 31.93
C ALA C 218 29.71 -18.52 31.32
N THR C 219 29.92 -19.77 30.93
CA THR C 219 31.16 -20.30 30.39
C THR C 219 30.81 -21.36 29.35
N TRP C 220 31.76 -21.67 28.47
CA TRP C 220 31.58 -22.72 27.46
C TRP C 220 32.78 -23.71 27.51
N GLY C 221 32.51 -24.96 27.96
CA GLY C 221 33.47 -26.07 27.94
C GLY C 221 34.40 -26.22 29.14
N MET C 222 33.89 -25.91 30.33
CA MET C 222 34.66 -26.00 31.58
C MET C 222 34.41 -27.34 32.30
N GLY C 223 33.36 -28.04 31.89
CA GLY C 223 32.96 -29.30 32.51
C GLY C 223 32.13 -29.12 33.77
N ASN C 224 31.58 -27.92 33.94
CA ASN C 224 30.63 -27.71 35.04
C ASN C 224 29.34 -27.11 34.49
N PRO C 225 28.26 -27.90 34.56
CA PRO C 225 26.87 -27.60 34.25
C PRO C 225 26.24 -26.56 35.19
N ALA C 226 27.04 -25.95 36.07
CA ALA C 226 26.57 -24.78 36.84
C ALA C 226 26.79 -23.49 36.04
N THR C 227 27.73 -23.52 35.10
CA THR C 227 28.11 -22.32 34.36
C THR C 227 28.17 -22.54 32.84
N ASP C 228 28.27 -23.81 32.41
CA ASP C 228 28.44 -24.14 31.00
C ASP C 228 27.20 -23.89 30.14
N TRP C 229 27.24 -22.83 29.33
CA TRP C 229 26.17 -22.56 28.37
C TRP C 229 25.94 -23.68 27.32
N ASN C 230 27.03 -24.16 26.71
CA ASN C 230 26.99 -25.33 25.79
C ASN C 230 26.15 -26.51 26.26
N LEU C 231 26.30 -26.94 27.52
CA LEU C 231 25.58 -28.09 28.03
C LEU C 231 24.13 -27.73 28.38
N ALA C 232 23.97 -26.54 28.95
CA ALA C 232 22.68 -25.95 29.26
C ALA C 232 21.77 -25.91 28.00
N ALA C 233 22.38 -25.54 26.87
CA ALA C 233 21.78 -25.46 25.51
C ALA C 233 21.12 -26.76 25.06
N GLU C 234 21.89 -27.84 25.14
CA GLU C 234 21.41 -29.20 24.90
C GLU C 234 20.22 -29.59 25.78
N ARG C 235 20.32 -29.34 27.09
CA ARG C 235 19.27 -29.76 28.04
C ARG C 235 17.99 -28.97 27.87
N ILE C 236 18.15 -27.67 27.59
CA ILE C 236 17.01 -26.79 27.33
C ILE C 236 16.43 -27.14 25.95
N GLY C 237 17.28 -27.29 24.96
CA GLY C 237 16.86 -27.64 23.59
C GLY C 237 16.08 -28.96 23.50
N LYS C 238 16.63 -30.00 24.13
CA LYS C 238 16.00 -31.32 24.14
C LYS C 238 14.61 -31.20 24.71
N ALA C 239 14.44 -30.45 25.81
CA ALA C 239 13.06 -30.26 26.37
C ALA C 239 12.06 -29.55 25.44
N ILE C 240 12.54 -28.53 24.73
CA ILE C 240 11.70 -27.83 23.72
C ILE C 240 11.32 -28.78 22.60
N LEU C 241 12.34 -29.37 21.95
CA LEU C 241 12.12 -30.30 20.83
C LEU C 241 11.17 -31.46 21.13
N LYS C 242 11.26 -32.03 22.34
CA LYS C 242 10.20 -32.92 22.84
C LYS C 242 8.75 -32.40 22.69
N VAL C 243 8.49 -31.12 22.95
CA VAL C 243 7.11 -30.59 22.82
C VAL C 243 6.82 -29.87 21.50
N ALA C 244 7.87 -29.49 20.79
CA ALA C 244 7.75 -28.70 19.57
C ALA C 244 8.87 -29.07 18.61
N PRO C 245 8.80 -30.32 18.06
CA PRO C 245 9.80 -30.94 17.14
C PRO C 245 10.17 -30.15 15.87
N HIS C 246 9.23 -29.35 15.36
CA HIS C 246 9.36 -28.58 14.12
C HIS C 246 10.20 -27.29 14.25
N TRP C 247 10.37 -26.83 15.49
CA TRP C 247 11.21 -25.64 15.79
C TRP C 247 12.67 -25.80 15.49
N LEU C 248 13.28 -24.67 15.20
CA LEU C 248 14.71 -24.54 15.25
C LEU C 248 15.11 -24.11 16.68
N ILE C 249 16.29 -24.50 17.10
CA ILE C 249 16.91 -24.07 18.35
C ILE C 249 18.01 -23.05 18.02
N PHE C 250 17.83 -21.80 18.47
CA PHE C 250 18.88 -20.79 18.29
C PHE C 250 19.80 -20.71 19.52
N VAL C 251 21.12 -20.81 19.32
CA VAL C 251 22.05 -20.88 20.44
C VAL C 251 23.08 -19.80 20.35
N GLU C 252 22.92 -18.82 21.24
CA GLU C 252 23.87 -17.73 21.32
C GLU C 252 25.23 -18.11 21.93
N GLY C 253 26.25 -17.32 21.63
CA GLY C 253 27.55 -17.50 22.25
C GLY C 253 27.50 -17.07 23.70
N THR C 254 28.63 -17.22 24.39
CA THR C 254 28.86 -16.60 25.71
C THR C 254 29.68 -15.30 25.55
N GLN C 255 30.12 -14.72 26.66
CA GLN C 255 31.12 -13.65 26.63
C GLN C 255 32.56 -14.20 26.77
N PHE C 256 32.78 -14.93 27.85
CA PHE C 256 33.96 -15.80 28.00
C PHE C 256 33.52 -17.26 27.96
N THR C 257 34.36 -18.09 27.36
CA THR C 257 34.11 -19.52 27.11
C THR C 257 34.87 -20.42 28.14
N ASN C 258 36.10 -20.78 27.78
CA ASN C 258 37.07 -21.42 28.69
C ASN C 258 38.42 -20.66 28.61
N PRO C 259 39.36 -20.97 29.54
CA PRO C 259 40.65 -20.28 29.57
C PRO C 259 41.50 -20.46 28.32
N LYS C 260 41.57 -21.70 27.80
CA LYS C 260 42.49 -22.05 26.69
C LYS C 260 42.11 -21.39 25.34
N THR C 261 40.82 -21.50 25.01
CA THR C 261 40.23 -20.86 23.84
C THR C 261 40.47 -19.35 23.85
N ASP C 262 40.00 -18.66 24.88
CA ASP C 262 40.02 -17.19 24.86
C ASP C 262 41.44 -16.61 24.72
N SER C 263 42.41 -17.20 25.43
CA SER C 263 43.85 -16.83 25.31
C SER C 263 44.45 -17.18 23.94
N SER C 264 43.84 -18.16 23.27
CA SER C 264 44.25 -18.61 21.94
C SER C 264 43.99 -17.61 20.81
N TYR C 265 43.37 -16.47 21.12
CA TYR C 265 43.25 -15.35 20.18
C TYR C 265 43.51 -14.00 20.87
N LYS C 266 44.20 -13.10 20.17
CA LYS C 266 44.49 -11.75 20.66
C LYS C 266 43.26 -11.11 21.32
N TRP C 267 42.17 -11.08 20.58
CA TRP C 267 40.98 -10.41 21.05
C TRP C 267 40.00 -11.40 21.67
N GLY C 268 40.52 -12.51 22.17
CA GLY C 268 39.68 -13.56 22.76
C GLY C 268 38.96 -13.10 24.00
N TYR C 269 39.51 -12.07 24.65
CA TYR C 269 38.90 -11.50 25.84
C TYR C 269 38.05 -10.29 25.52
N ASN C 270 37.74 -10.09 24.24
CA ASN C 270 36.99 -8.89 23.81
C ASN C 270 35.74 -9.14 22.97
N ALA C 271 35.02 -10.20 23.32
CA ALA C 271 33.82 -10.58 22.64
C ALA C 271 32.62 -10.00 23.39
N TRP C 272 31.52 -9.81 22.67
CA TRP C 272 30.28 -9.25 23.24
C TRP C 272 29.56 -10.25 24.14
N TRP C 273 28.71 -9.77 25.04
CA TRP C 273 27.71 -10.68 25.61
C TRP C 273 26.91 -11.39 24.48
N GLY C 274 26.77 -12.70 24.61
CA GLY C 274 26.26 -13.58 23.55
C GLY C 274 27.01 -13.58 22.22
N GLY C 275 28.28 -13.17 22.24
CA GLY C 275 29.04 -12.93 21.02
C GLY C 275 30.29 -13.77 20.79
N ASN C 276 30.49 -14.75 21.66
CA ASN C 276 31.71 -15.55 21.62
C ASN C 276 31.32 -16.98 21.28
N LEU C 277 31.57 -17.38 20.04
CA LEU C 277 31.32 -18.76 19.57
C LEU C 277 32.66 -19.46 19.21
N MET C 278 33.74 -19.07 19.91
CA MET C 278 35.07 -19.59 19.68
C MET C 278 35.21 -21.03 20.20
N ALA C 279 34.37 -21.42 21.17
CA ALA C 279 34.39 -22.78 21.73
C ALA C 279 33.49 -23.78 21.00
N VAL C 280 32.81 -23.35 19.92
CA VAL C 280 32.01 -24.27 19.10
C VAL C 280 32.88 -25.40 18.47
N LYS C 281 34.06 -25.04 17.97
CA LYS C 281 34.98 -26.03 17.36
C LYS C 281 35.17 -27.27 18.25
N ASP C 282 35.68 -27.06 19.47
CA ASP C 282 36.05 -28.13 20.40
C ASP C 282 35.01 -28.53 21.45
N TYR C 283 34.00 -27.69 21.65
CA TYR C 283 32.85 -28.07 22.47
C TYR C 283 31.56 -27.72 21.71
N PRO C 284 31.29 -28.43 20.59
CA PRO C 284 30.02 -28.18 19.91
C PRO C 284 28.81 -28.54 20.79
N VAL C 285 27.71 -27.81 20.58
CA VAL C 285 26.44 -28.15 21.22
C VAL C 285 25.96 -29.51 20.63
N ASN C 286 25.72 -30.47 21.52
CA ASN C 286 25.17 -31.75 21.12
C ASN C 286 23.65 -31.66 20.92
N LEU C 287 23.26 -30.94 19.86
CA LEU C 287 21.88 -30.93 19.36
C LEU C 287 21.86 -31.43 17.91
N PRO C 288 20.72 -32.00 17.45
CA PRO C 288 20.61 -32.43 16.04
C PRO C 288 20.99 -31.34 15.04
N ARG C 289 21.85 -31.66 14.09
CA ARG C 289 22.44 -30.68 13.17
C ARG C 289 21.47 -30.00 12.19
N ASN C 290 20.25 -30.54 12.08
CA ASN C 290 19.20 -29.93 11.27
C ASN C 290 18.27 -29.06 12.13
N LYS C 291 18.66 -28.87 13.39
CA LYS C 291 17.82 -28.14 14.33
C LYS C 291 18.58 -26.95 14.93
N LEU C 292 19.89 -27.12 15.13
CA LEU C 292 20.70 -26.14 15.81
C LEU C 292 21.05 -25.00 14.88
N VAL C 293 20.82 -23.75 15.34
CA VAL C 293 21.37 -22.56 14.69
C VAL C 293 22.17 -21.79 15.72
N TYR C 294 23.38 -21.41 15.35
CA TYR C 294 24.25 -20.57 16.16
C TYR C 294 23.89 -19.11 15.92
N SER C 295 23.68 -18.39 17.02
CA SER C 295 23.25 -17.01 16.91
C SER C 295 24.09 -16.09 17.79
N PRO C 296 25.18 -15.52 17.23
CA PRO C 296 25.97 -14.53 17.94
C PRO C 296 25.32 -13.12 17.97
N HIS C 297 25.73 -12.29 18.94
CA HIS C 297 25.45 -10.86 18.92
C HIS C 297 26.76 -10.18 18.55
N VAL C 298 26.70 -9.05 17.87
CA VAL C 298 27.89 -8.34 17.50
C VAL C 298 27.53 -6.88 17.43
N TYR C 299 28.29 -6.04 18.14
CA TYR C 299 27.94 -4.64 18.28
C TYR C 299 29.10 -3.73 17.89
N GLY C 300 28.89 -2.41 17.92
CA GLY C 300 29.93 -1.42 17.48
C GLY C 300 30.35 -0.46 18.60
N PRO C 301 31.05 0.65 18.27
CA PRO C 301 31.50 1.65 19.28
C PRO C 301 30.42 2.27 20.15
N ASP C 302 29.18 2.34 19.65
CA ASP C 302 28.09 2.93 20.42
C ASP C 302 27.69 2.13 21.68
N VAL C 303 28.08 0.87 21.72
CA VAL C 303 27.68 0.01 22.81
C VAL C 303 28.84 -0.18 23.78
N TYR C 304 30.05 -0.29 23.26
CA TYR C 304 31.25 -0.42 24.08
C TYR C 304 32.43 -0.03 23.26
N ASN C 305 33.26 0.81 23.85
CA ASN C 305 34.47 1.24 23.19
C ASN C 305 35.55 0.15 23.28
N GLN C 306 35.34 -0.94 22.54
CA GLN C 306 36.31 -2.05 22.39
C GLN C 306 37.69 -1.57 21.94
N PRO C 307 38.76 -2.23 22.43
CA PRO C 307 40.14 -1.81 22.14
C PRO C 307 40.49 -1.77 20.68
N TYR C 308 39.83 -2.62 19.89
CA TYR C 308 40.10 -2.68 18.43
C TYR C 308 39.35 -1.63 17.60
N PHE C 309 38.52 -0.82 18.26
CA PHE C 309 37.82 0.29 17.66
C PHE C 309 38.70 1.55 17.55
N GLY C 310 39.86 1.53 18.21
CA GLY C 310 40.82 2.63 18.13
C GLY C 310 41.48 2.68 16.77
N PRO C 311 41.25 3.76 16.01
CA PRO C 311 41.90 3.83 14.71
C PRO C 311 43.34 3.33 14.79
N ALA C 312 44.00 3.62 15.90
CA ALA C 312 45.42 3.27 16.07
C ALA C 312 45.72 1.76 16.11
N LYS C 313 44.68 0.94 15.91
CA LYS C 313 44.82 -0.51 15.92
C LYS C 313 44.34 -1.09 14.59
N GLY C 314 44.20 -0.21 13.59
CA GLY C 314 43.86 -0.57 12.19
C GLY C 314 42.37 -0.58 11.85
N PHE C 315 41.54 -0.09 12.76
CA PHE C 315 40.14 0.17 12.49
C PHE C 315 39.95 1.03 11.22
N PRO C 316 39.02 0.63 10.33
CA PRO C 316 38.14 -0.54 10.42
C PRO C 316 38.62 -1.86 9.76
N ASP C 317 39.71 -1.83 9.01
CA ASP C 317 40.16 -2.99 8.19
C ASP C 317 40.47 -4.27 8.99
N ASN C 318 40.75 -4.10 10.27
CA ASN C 318 40.97 -5.22 11.23
C ASN C 318 39.73 -6.06 11.58
N LEU C 319 38.55 -5.50 11.41
CA LEU C 319 37.32 -6.11 11.95
C LEU C 319 36.90 -7.44 11.31
N PRO C 320 37.03 -7.60 9.96
CA PRO C 320 36.63 -8.89 9.34
C PRO C 320 37.24 -10.12 10.01
N ASP C 321 38.52 -10.03 10.37
CA ASP C 321 39.25 -11.09 11.05
C ASP C 321 38.69 -11.36 12.47
N ILE C 322 38.36 -10.28 13.17
CA ILE C 322 37.83 -10.36 14.54
C ILE C 322 36.45 -11.06 14.54
N TRP C 323 35.56 -10.66 13.65
CA TRP C 323 34.28 -11.32 13.46
C TRP C 323 34.43 -12.77 13.00
N TYR C 324 35.35 -13.00 12.06
CA TYR C 324 35.68 -14.36 11.66
C TYR C 324 36.10 -15.19 12.88
N HIS C 325 37.02 -14.66 13.69
CA HIS C 325 37.51 -15.42 14.84
C HIS C 325 36.42 -15.69 15.89
N HIS C 326 35.73 -14.63 16.34
CA HIS C 326 34.66 -14.73 17.36
C HIS C 326 33.47 -15.62 16.94
N PHE C 327 33.08 -15.52 15.67
CA PHE C 327 31.87 -16.23 15.20
C PHE C 327 31.87 -16.65 13.72
N GLY C 328 32.44 -15.80 12.86
CA GLY C 328 32.48 -16.01 11.41
C GLY C 328 32.82 -17.43 10.96
N TYR C 329 33.89 -17.97 11.54
CA TYR C 329 34.43 -19.30 11.22
C TYR C 329 33.37 -20.38 11.39
N VAL C 330 32.39 -20.17 12.26
CA VAL C 330 31.37 -21.19 12.44
C VAL C 330 30.66 -21.53 11.11
N LYS C 331 30.49 -20.55 10.23
CA LYS C 331 29.84 -20.81 8.92
C LYS C 331 30.86 -20.96 7.77
N LEU C 332 31.84 -20.06 7.74
CA LEU C 332 32.86 -20.06 6.70
C LEU C 332 33.77 -21.33 6.69
N GLU C 333 34.01 -21.90 7.88
CA GLU C 333 34.77 -23.13 8.03
C GLU C 333 33.86 -24.33 8.40
N LEU C 334 33.41 -24.41 9.65
CA LEU C 334 32.57 -25.51 10.13
C LEU C 334 31.20 -25.75 9.46
N GLY C 335 30.72 -24.77 8.68
CA GLY C 335 29.54 -24.94 7.79
C GLY C 335 28.19 -24.97 8.47
N TYR C 336 28.09 -24.34 9.64
CA TYR C 336 26.81 -24.17 10.35
C TYR C 336 25.97 -22.97 9.87
N SER C 337 24.67 -23.01 10.14
CA SER C 337 23.81 -21.83 10.00
C SER C 337 24.25 -20.88 11.12
N VAL C 338 24.75 -19.70 10.71
CA VAL C 338 25.09 -18.62 11.66
C VAL C 338 24.15 -17.44 11.39
N VAL C 339 23.23 -17.22 12.32
CA VAL C 339 22.28 -16.12 12.24
C VAL C 339 22.64 -15.08 13.30
N ILE C 340 23.09 -13.90 12.88
CA ILE C 340 23.27 -12.74 13.79
C ILE C 340 21.93 -12.31 14.44
N GLY C 341 21.82 -12.56 15.74
CA GLY C 341 20.61 -12.28 16.49
C GLY C 341 20.45 -10.82 16.90
N GLU C 342 21.57 -10.10 17.00
CA GLU C 342 21.57 -8.67 17.35
C GLU C 342 22.79 -7.98 16.77
N PHE C 343 22.57 -6.76 16.26
CA PHE C 343 23.62 -5.82 15.85
C PHE C 343 22.96 -4.52 15.47
N GLY C 344 23.67 -3.41 15.59
CA GLY C 344 23.02 -2.12 15.49
C GLY C 344 23.87 -1.05 16.16
N GLY C 345 23.40 0.20 16.11
CA GLY C 345 24.16 1.32 16.58
C GLY C 345 23.47 2.58 16.10
N LYS C 346 23.98 3.71 16.59
CA LYS C 346 23.31 4.98 16.34
C LYS C 346 23.61 5.51 14.95
N TYR C 347 24.62 4.92 14.28
CA TYR C 347 24.99 5.26 12.90
C TYR C 347 25.20 6.79 12.80
N GLY C 348 25.91 7.37 13.78
CA GLY C 348 26.20 8.82 13.81
C GLY C 348 25.05 9.73 14.19
N HIS C 349 23.89 9.18 14.59
CA HIS C 349 22.80 10.05 15.00
C HIS C 349 22.92 10.29 16.49
N GLY C 350 23.80 11.22 16.80
CA GLY C 350 24.12 11.61 18.15
C GLY C 350 24.80 10.49 18.88
N GLY C 351 25.70 9.78 18.22
CA GLY C 351 26.48 8.76 18.85
C GLY C 351 27.92 8.95 18.45
N ASP C 352 28.74 7.93 18.71
CA ASP C 352 30.12 7.88 18.23
C ASP C 352 30.24 7.94 16.69
N PRO C 353 31.07 8.86 16.14
CA PRO C 353 31.02 8.99 14.65
C PRO C 353 31.62 7.77 13.96
N ARG C 354 32.49 7.05 14.70
CA ARG C 354 32.99 5.74 14.28
C ARG C 354 31.90 4.67 14.08
N ASP C 355 30.65 4.93 14.45
CA ASP C 355 29.63 3.90 14.27
C ASP C 355 29.16 3.76 12.83
N VAL C 356 29.23 4.86 12.07
CA VAL C 356 28.88 4.85 10.64
C VAL C 356 29.89 4.01 9.87
N ILE C 357 31.18 4.25 10.12
CA ILE C 357 32.25 3.43 9.56
C ILE C 357 31.99 1.96 9.94
N TRP C 358 31.71 1.68 11.21
CA TRP C 358 31.55 0.31 11.73
C TRP C 358 30.44 -0.50 11.07
N GLN C 359 29.24 0.08 11.00
CA GLN C 359 28.04 -0.57 10.43
C GLN C 359 28.21 -0.77 8.94
N ASN C 360 28.84 0.21 8.28
CA ASN C 360 29.18 0.10 6.86
C ASN C 360 30.08 -1.12 6.64
N LYS C 361 31.24 -1.13 7.29
CA LYS C 361 32.14 -2.27 7.25
C LYS C 361 31.49 -3.62 7.66
N LEU C 362 30.68 -3.68 8.72
CA LEU C 362 29.97 -4.95 9.09
C LEU C 362 29.01 -5.47 8.00
N VAL C 363 28.23 -4.57 7.40
CA VAL C 363 27.39 -4.96 6.28
C VAL C 363 28.19 -5.39 5.02
N ASP C 364 29.24 -4.66 4.65
CA ASP C 364 30.07 -5.02 3.49
C ASP C 364 30.46 -6.47 3.67
N TRP C 365 30.82 -6.80 4.88
CA TRP C 365 31.36 -8.10 5.20
C TRP C 365 30.26 -9.16 5.21
N MET C 366 29.05 -8.77 5.63
CA MET C 366 27.95 -9.74 5.69
C MET C 366 27.49 -10.12 4.27
N ILE C 367 27.57 -9.14 3.35
CA ILE C 367 27.39 -9.32 1.91
C ILE C 367 28.48 -10.25 1.34
N GLU C 368 29.75 -9.85 1.47
CA GLU C 368 30.88 -10.65 0.95
C GLU C 368 30.81 -12.10 1.34
N ASN C 369 30.45 -12.37 2.58
CA ASN C 369 30.50 -13.74 3.09
C ASN C 369 29.14 -14.41 3.27
N LYS C 370 28.10 -13.75 2.76
CA LYS C 370 26.73 -14.30 2.73
C LYS C 370 26.11 -14.61 4.10
N PHE C 371 26.19 -13.63 5.02
CA PHE C 371 25.45 -13.70 6.28
C PHE C 371 24.12 -13.00 6.07
N CYS C 372 23.16 -13.76 5.53
CA CYS C 372 21.93 -13.23 4.96
C CYS C 372 20.76 -13.30 5.89
N ASP C 373 20.96 -14.02 6.99
CA ASP C 373 20.00 -14.13 8.05
C ASP C 373 20.47 -13.32 9.25
N PHE C 374 19.58 -12.42 9.71
CA PHE C 374 19.95 -11.45 10.76
C PHE C 374 18.72 -10.88 11.44
N PHE C 375 18.96 -10.25 12.60
CA PHE C 375 17.92 -9.51 13.31
C PHE C 375 18.61 -8.27 13.83
N TYR C 376 18.22 -7.13 13.28
CA TYR C 376 18.86 -5.88 13.60
C TYR C 376 18.37 -5.44 14.97
N TRP C 377 19.24 -4.89 15.81
CA TRP C 377 18.78 -4.35 17.12
C TRP C 377 18.76 -2.80 17.01
N SER C 378 17.61 -2.12 17.03
CA SER C 378 16.26 -2.72 17.16
C SER C 378 15.31 -2.03 16.16
N TRP C 379 14.10 -2.53 15.97
CA TRP C 379 13.06 -1.72 15.34
C TRP C 379 12.89 -0.51 16.26
N ASN C 380 12.71 -0.76 17.57
CA ASN C 380 12.48 0.31 18.58
C ASN C 380 13.56 1.42 18.49
N PRO C 381 13.15 2.70 18.68
CA PRO C 381 14.16 3.76 18.92
C PRO C 381 14.61 3.80 20.39
N ASP C 382 13.75 3.34 21.32
CA ASP C 382 14.01 3.55 22.77
C ASP C 382 15.01 2.54 23.28
N SER C 383 16.11 2.44 22.57
CA SER C 383 17.26 1.65 22.93
C SER C 383 18.43 2.61 23.20
N GLY C 384 18.81 2.78 24.46
CA GLY C 384 19.68 3.93 24.83
C GLY C 384 21.02 4.06 24.16
N ASP C 385 21.63 2.93 23.84
CA ASP C 385 22.98 2.93 23.29
C ASP C 385 23.01 2.70 21.79
N THR C 386 21.88 2.27 21.24
CA THR C 386 21.88 2.00 19.81
C THR C 386 20.83 2.74 18.98
N GLY C 387 19.77 3.25 19.60
CA GLY C 387 18.62 3.69 18.83
C GLY C 387 18.16 2.47 18.03
N GLY C 388 17.55 2.69 16.88
CA GLY C 388 17.14 1.59 16.04
C GLY C 388 16.84 2.06 14.64
N ILE C 389 15.95 1.34 13.96
CA ILE C 389 15.51 1.71 12.63
C ILE C 389 14.49 2.85 12.70
N LEU C 390 13.56 2.80 13.66
CA LEU C 390 12.74 3.96 13.85
C LEU C 390 13.45 5.11 14.56
N GLN C 391 12.98 6.33 14.32
CA GLN C 391 13.44 7.50 15.06
C GLN C 391 12.61 7.57 16.35
N ASP C 392 13.02 8.43 17.27
CA ASP C 392 12.22 8.70 18.50
C ASP C 392 10.76 9.08 18.34
N ASP C 393 10.33 9.62 17.20
CA ASP C 393 8.88 9.81 16.98
C ASP C 393 8.12 8.49 16.71
N TRP C 394 8.83 7.36 16.69
CA TRP C 394 8.22 5.98 16.50
C TRP C 394 7.56 5.81 15.12
N THR C 395 7.89 6.71 14.19
CA THR C 395 7.12 6.90 12.97
C THR C 395 8.07 6.94 11.74
N THR C 396 9.02 7.87 11.74
CA THR C 396 9.98 7.92 10.62
C THR C 396 11.24 7.13 10.95
N ILE C 397 11.94 6.68 9.91
CA ILE C 397 13.12 5.92 10.03
C ILE C 397 14.35 6.77 9.82
N TRP C 398 15.48 6.28 10.32
CA TRP C 398 16.75 6.82 9.97
C TRP C 398 17.06 6.27 8.59
N GLU C 399 17.07 7.15 7.60
CA GLU C 399 17.05 6.73 6.22
C GLU C 399 18.42 6.23 5.86
N ASP C 400 19.45 6.86 6.41
CA ASP C 400 20.80 6.43 6.07
C ASP C 400 21.22 5.11 6.73
N LYS C 401 20.89 4.95 8.01
CA LYS C 401 21.13 3.68 8.67
C LYS C 401 20.36 2.57 7.94
N TYR C 402 19.08 2.81 7.65
CA TYR C 402 18.28 1.82 6.92
C TYR C 402 18.77 1.52 5.51
N ASN C 403 19.14 2.55 4.75
CA ASN C 403 19.64 2.29 3.40
C ASN C 403 20.93 1.45 3.47
N ASN C 404 21.71 1.61 4.52
CA ASN C 404 22.92 0.80 4.58
C ASN C 404 22.61 -0.69 4.86
N LEU C 405 21.69 -0.94 5.78
CA LEU C 405 21.24 -2.32 6.00
C LEU C 405 20.54 -2.96 4.77
N LYS C 406 19.88 -2.12 3.98
CA LYS C 406 19.19 -2.51 2.75
C LYS C 406 20.15 -3.09 1.70
N ARG C 407 21.39 -2.55 1.65
CA ARG C 407 22.48 -3.10 0.84
C ARG C 407 22.62 -4.55 1.10
N LEU C 408 22.54 -4.97 2.37
CA LEU C 408 22.64 -6.40 2.70
C LEU C 408 21.42 -7.13 2.19
N MET C 409 20.25 -6.50 2.25
CA MET C 409 19.02 -7.15 1.83
C MET C 409 18.90 -7.13 0.29
N ASP C 410 19.51 -6.11 -0.32
CA ASP C 410 19.31 -5.64 -1.71
C ASP C 410 18.01 -4.83 -1.96
C2 BGC D . -2.14 -5.03 -20.27
C3 BGC D . -3.27 -5.94 -20.72
C4 BGC D . -4.50 -5.19 -21.27
C5 BGC D . -4.02 -4.14 -22.24
C6 BGC D . -5.15 -3.26 -22.69
C1 BGC D . -1.85 -3.99 -21.40
O1 BGC D . -0.88 -3.06 -20.94
O2 BGC D . -0.93 -5.74 -19.96
O3 BGC D . -3.75 -6.72 -19.65
O4 BGC D . -5.42 -6.03 -22.07
O5 BGC D . -3.05 -3.27 -21.65
O6 BGC D . -4.65 -2.52 -23.81
C2 BGC D . -7.63 -6.99 -22.26
C3 BGC D . -8.79 -7.55 -21.47
C4 BGC D . -8.37 -8.66 -20.47
C5 BGC D . -7.17 -8.21 -19.63
C6 BGC D . -6.61 -9.33 -18.75
C1 BGC D . -6.56 -6.55 -21.29
O2 BGC D . -7.99 -5.79 -22.92
O3 BGC D . -9.88 -8.03 -22.26
O4 BGC D . -9.56 -8.92 -19.66
O5 BGC D . -6.15 -7.71 -20.59
O6 BGC D . -5.30 -8.97 -18.28
C2 BGC D . -11.11 -10.37 -18.68
C3 BGC D . -11.99 -11.20 -19.67
C4 BGC D . -11.51 -11.10 -21.16
C5 BGC D . -10.27 -11.93 -21.18
C6 BGC D . -9.49 -12.03 -22.49
C1 BGC D . -9.70 -10.33 -19.17
O2 BGC D . -11.14 -10.80 -17.26
O3 BGC D . -13.39 -10.81 -19.50
O4 BGC D . -12.43 -11.82 -22.02
O5 BGC D . -9.33 -11.49 -20.12
O6 BGC D . -9.29 -10.68 -22.98
C2 BGC D . -13.71 -11.48 -24.11
C3 BGC D . -14.93 -10.76 -24.67
C4 BGC D . -16.15 -11.18 -23.84
C5 BGC D . -15.89 -10.83 -22.35
C6 BGC D . -16.92 -11.42 -21.43
C1 BGC D . -13.48 -11.06 -22.64
O2 BGC D . -12.60 -11.07 -24.86
O3 BGC D . -15.07 -11.02 -26.08
O4 BGC D . -17.30 -10.48 -24.24
O5 BGC D . -14.67 -11.36 -21.80
O6 BGC D . -16.60 -10.97 -20.11
C2 BGC E . -4.71 23.84 -22.96
C3 BGC E . -4.44 22.97 -21.69
C4 BGC E . -5.16 21.61 -21.83
C5 BGC E . -5.05 21.00 -23.27
C6 BGC E . -6.23 20.03 -23.47
C1 BGC E . -4.31 23.09 -24.28
O1 BGC E . -4.48 23.91 -25.50
O2 BGC E . -3.99 25.06 -23.00
O3 BGC E . -4.94 23.51 -20.48
O4 BGC E . -4.63 20.64 -20.83
O5 BGC E . -5.15 22.00 -24.35
O6 BGC E . -5.76 18.69 -23.70
C2 BGC E . -4.83 19.34 -18.99
C3 BGC E . -5.49 19.28 -17.63
C4 BGC E . -4.85 20.36 -16.72
C5 BGC E . -5.09 21.70 -17.37
C6 BGC E . -4.40 22.84 -16.65
C1 BGC E . -5.23 20.67 -19.58
O2 BGC E . -5.28 18.24 -19.81
O3 BGC E . -5.33 17.98 -17.08
O4 BGC E . -5.66 20.40 -15.52
O5 BGC E . -4.64 21.74 -18.72
O6 BGC E . -4.96 24.01 -17.21
C2 BGC E . -5.24 20.58 -13.29
C3 BGC E . -4.65 19.94 -12.05
C4 BGC E . -4.77 18.46 -12.21
C5 BGC E . -4.33 17.81 -13.58
C6 BGC E . -4.62 16.25 -13.77
C1 BGC E . -4.82 19.89 -14.57
O2 BGC E . -4.82 21.91 -13.25
O3 BGC E . -5.53 20.43 -11.00
O4 BGC E . -4.00 17.84 -11.16
O5 BGC E . -5.02 18.42 -14.67
O6 BGC E . -6.01 16.05 -14.09
C2 BGC E . -3.65 15.62 -10.38
C3 BGC E . -4.28 14.30 -9.91
C4 BGC E . -5.27 14.60 -8.76
C5 BGC E . -6.31 15.65 -9.17
C6 BGC E . -7.25 16.03 -8.04
C1 BGC E . -4.72 16.65 -10.71
O2 BGC E . -2.78 15.42 -11.53
O3 BGC E . -3.19 13.45 -9.55
O4 BGC E . -5.95 13.42 -8.36
O5 BGC E . -5.62 16.87 -9.61
O6 BGC E . -7.97 17.23 -8.36
C2 BGC F . 32.13 -6.70 26.70
C3 BGC F . 31.00 -5.71 26.45
C4 BGC F . 30.53 -5.07 27.74
C5 BGC F . 31.75 -4.48 28.43
C6 BGC F . 31.35 -3.74 29.72
C1 BGC F . 33.24 -6.06 27.54
O1 BGC F . 34.21 -7.03 27.88
O2 BGC F . 32.70 -7.10 25.44
O3 BGC F . 29.91 -6.40 25.81
O4 BGC F . 29.63 -3.99 27.46
O5 BGC F . 32.67 -5.52 28.76
O6 BGC F . 30.90 -4.69 30.70
C2 BGC F . 27.42 -3.12 27.81
C3 BGC F . 25.92 -3.47 27.88
C4 BGC F . 25.53 -4.11 26.56
C5 BGC F . 26.43 -5.32 26.28
C6 BGC F . 26.04 -5.93 24.91
C1 BGC F . 28.22 -4.38 27.52
O2 BGC F . 27.84 -2.52 29.03
O3 BGC F . 25.18 -2.25 28.06
O4 BGC F . 24.15 -4.51 26.60
O5 BGC F . 27.81 -4.93 26.27
O6 BGC F . 26.91 -7.04 24.63
C2 BGC G . 20.72 -7.06 24.85
C3 BGC G . 19.82 -5.83 24.63
C4 BGC G . 20.57 -4.54 24.90
C5 BGC G . 21.71 -4.53 23.93
C6 BGC G . 22.46 -3.27 24.41
C1 BGC G . 22.11 -7.02 24.19
O1 BGC G . 23.03 -7.88 24.96
O2 BGC G . 19.98 -8.22 24.46
O3 BGC G . 18.67 -6.00 25.50
O4 BGC G . 19.91 -3.27 24.68
O5 BGC G . 22.63 -5.61 24.11
O6 BGC G . 22.99 -2.61 23.27
C2 BGC G . 19.05 -1.20 25.51
C3 BGC G . 18.07 -0.56 26.48
C4 BGC G . 16.69 -1.22 26.42
C5 BGC G . 16.82 -2.75 26.62
C6 BGC G . 15.45 -3.47 26.45
C1 BGC G . 19.15 -2.70 25.76
O2 BGC G . 20.31 -0.55 25.66
O3 BGC G . 17.98 0.87 26.24
O4 BGC G . 15.88 -0.84 27.53
O5 BGC G . 17.83 -3.32 25.74
O6 BGC G . 15.64 -4.90 26.42
C2 BGC G . 13.93 0.24 28.25
C3 BGC G . 13.05 1.46 27.99
C4 BGC G . 13.83 2.72 28.34
C5 BGC G . 15.16 2.80 27.59
C6 BGC G . 16.00 4.02 28.00
C1 BGC G . 15.14 0.38 27.36
O2 BGC G . 13.24 -0.96 27.93
O3 BGC G . 11.88 1.42 28.82
O4 BGC G . 12.84 3.66 27.90
O5 BGC G . 15.92 1.55 27.77
O6 BGC G . 17.36 3.87 27.55
C2 BGC G . 12.48 5.99 28.47
C3 BGC G . 11.78 6.86 29.50
C4 BGC G . 10.58 6.06 30.14
C5 BGC G . 11.06 4.64 30.66
C6 BGC G . 10.16 3.69 31.49
C1 BGC G . 12.59 4.53 28.98
O2 BGC G . 13.78 6.52 28.09
O3 BGC G . 11.36 8.10 28.84
O4 BGC G . 9.91 6.77 31.20
O5 BGC G . 11.41 3.91 29.47
O6 BGC G . 8.85 3.46 30.92
#